data_5EP9
#
_entry.id   5EP9
#
_cell.length_a   52.207
_cell.length_b   120.557
_cell.length_c   102.879
_cell.angle_alpha   90.00
_cell.angle_beta   92.54
_cell.angle_gamma   90.00
#
_symmetry.space_group_name_H-M   'P 1 21 1'
#
loop_
_entity.id
_entity.type
_entity.pdbx_description
1 polymer 'SnoN,Epimerase SnoN'
2 non-polymer '2-OXOGLUTARIC ACID'
3 non-polymer 'FE (III) ION'
4 non-polymer 'ACETATE ION'
5 water water
#
_entity_poly.entity_id   1
_entity_poly.type   'polypeptide(L)'
_entity_poly.pdbx_seq_one_letter_code
;MAHHHHHHHRSADQETEPGVPADLPAESDPAALERLAARYRRDGYVHVPGVLDAGEVAEYLAEARRLLAHEESVRWGSGA
GTVMDYVADAQLGSDTMRRLATHPRIAALAEYLAGSPLRLFKLEVLLKENKEKDASVPTAPHHDAFAFPFSTAGTALTAW
VALVDVPVERGCMTFVPGSHLLPDPDTGDEPWAGAFTRPGEIWMPRVTVPLRAGDCTFHHARTVHSAGANSTDEPRLSTS
AVYMDATAAYRPTGIAFLDDLPGTGADPLREGAPLTGDRFPLLRRPQTRQPAPARYPLPQQGHGS
;
_entity_poly.pdbx_strand_id   A,B,C,D
#
loop_
_chem_comp.id
_chem_comp.type
_chem_comp.name
_chem_comp.formula
ACT non-polymer 'ACETATE ION' 'C2 H3 O2 -1'
AKG non-polymer '2-OXOGLUTARIC ACID' 'C5 H6 O5'
FE non-polymer 'FE (III) ION' 'Fe 3'
#
# COMPACT_ATOMS: atom_id res chain seq x y z
N ASP A 29 9.66 28.07 0.88
CA ASP A 29 8.85 27.83 2.11
C ASP A 29 9.60 26.86 3.05
N PRO A 30 10.38 27.39 4.03
CA PRO A 30 11.17 26.48 4.92
C PRO A 30 10.33 25.41 5.73
N ALA A 31 9.10 25.75 6.11
CA ALA A 31 8.15 24.82 6.79
C ALA A 31 7.82 23.55 5.99
N ALA A 32 7.39 23.76 4.76
CA ALA A 32 7.05 22.67 3.82
C ALA A 32 8.28 21.80 3.44
N LEU A 33 9.43 22.45 3.35
CA LEU A 33 10.70 21.78 3.14
C LEU A 33 11.10 20.90 4.39
N GLU A 34 10.86 21.41 5.57
CA GLU A 34 11.10 20.65 6.81
C GLU A 34 10.20 19.41 6.88
N ARG A 35 8.97 19.60 6.44
CA ARG A 35 7.95 18.49 6.41
C ARG A 35 8.32 17.45 5.41
N LEU A 36 8.82 17.93 4.33
CA LEU A 36 9.30 17.05 3.26
C LEU A 36 10.51 16.19 3.67
N ALA A 37 11.47 16.85 4.31
CA ALA A 37 12.65 16.17 4.83
C ALA A 37 12.23 15.11 5.92
N ALA A 38 11.30 15.49 6.75
CA ALA A 38 10.86 14.63 7.84
C ALA A 38 10.20 13.35 7.27
N ARG A 39 9.40 13.53 6.23
CA ARG A 39 8.86 12.43 5.45
C ARG A 39 9.94 11.55 4.86
N TYR A 40 10.92 12.18 4.22
CA TYR A 40 12.11 11.42 3.70
C TYR A 40 12.82 10.55 4.82
N ARG A 41 13.04 11.15 5.97
CA ARG A 41 13.73 10.48 7.05
C ARG A 41 12.90 9.31 7.62
N ARG A 42 11.62 9.53 7.82
CA ARG A 42 10.65 8.52 8.36
C ARG A 42 10.42 7.39 7.37
N ASP A 43 10.24 7.72 6.14
CA ASP A 43 9.87 6.72 5.14
C ASP A 43 10.96 6.13 4.32
N GLY A 44 11.99 6.92 4.08
CA GLY A 44 13.11 6.48 3.23
C GLY A 44 12.96 6.83 1.78
N TYR A 45 11.86 7.53 1.47
CA TYR A 45 11.63 8.08 0.16
C TYR A 45 10.75 9.26 0.29
N VAL A 46 10.70 10.05 -0.77
CA VAL A 46 9.69 11.10 -0.86
C VAL A 46 9.37 11.42 -2.29
N HIS A 47 8.12 11.80 -2.51
CA HIS A 47 7.63 12.25 -3.80
C HIS A 47 7.65 13.77 -3.81
N VAL A 48 8.21 14.33 -4.87
CA VAL A 48 8.19 15.81 -5.08
C VAL A 48 7.57 16.11 -6.43
N PRO A 49 6.37 16.64 -6.42
CA PRO A 49 5.78 17.00 -7.75
C PRO A 49 6.39 18.24 -8.45
N GLY A 50 6.42 18.20 -9.77
CA GLY A 50 6.73 19.39 -10.58
C GLY A 50 8.12 19.93 -10.28
N VAL A 51 9.07 19.03 -10.16
CA VAL A 51 10.43 19.48 -9.93
C VAL A 51 11.03 20.11 -11.24
N LEU A 52 10.64 19.57 -12.38
CA LEU A 52 10.92 20.14 -13.68
C LEU A 52 9.70 20.81 -14.25
N ASP A 53 9.90 21.95 -14.91
CA ASP A 53 8.78 22.57 -15.58
C ASP A 53 8.49 21.86 -16.90
N ALA A 54 7.48 22.32 -17.66
CA ALA A 54 7.07 21.61 -18.87
C ALA A 54 8.18 21.71 -19.99
N GLY A 55 8.77 22.88 -20.12
CA GLY A 55 9.86 23.04 -21.09
C GLY A 55 11.09 22.15 -20.82
N GLU A 56 11.42 22.06 -19.54
CA GLU A 56 12.53 21.21 -19.12
C GLU A 56 12.25 19.80 -19.39
N VAL A 57 11.04 19.37 -19.03
CA VAL A 57 10.66 18.02 -19.36
C VAL A 57 10.86 17.75 -20.90
N ALA A 58 10.30 18.60 -21.71
CA ALA A 58 10.38 18.44 -23.22
C ALA A 58 11.82 18.46 -23.80
N GLU A 59 12.61 19.32 -23.25
CA GLU A 59 14.07 19.19 -23.45
C GLU A 59 14.81 17.85 -23.02
N TYR A 60 14.63 17.45 -21.77
CA TYR A 60 15.31 16.24 -21.25
C TYR A 60 14.72 15.00 -21.93
N LEU A 61 13.43 15.02 -22.21
CA LEU A 61 12.77 13.87 -22.84
C LEU A 61 13.35 13.63 -24.21
N ALA A 62 13.51 14.72 -24.99
CA ALA A 62 14.02 14.54 -26.35
C ALA A 62 15.40 14.00 -26.26
N GLU A 63 16.17 14.52 -25.34
CA GLU A 63 17.60 14.10 -25.26
C GLU A 63 17.63 12.58 -24.77
N ALA A 64 16.77 12.23 -23.84
CA ALA A 64 16.63 10.81 -23.43
C ALA A 64 16.35 9.92 -24.60
N ARG A 65 15.42 10.35 -25.44
CA ARG A 65 15.07 9.54 -26.64
C ARG A 65 16.19 9.44 -27.65
N ARG A 66 16.87 10.56 -27.84
CA ARG A 66 17.99 10.62 -28.76
C ARG A 66 19.11 9.67 -28.33
N LEU A 67 19.43 9.68 -27.05
CA LEU A 67 20.48 8.84 -26.53
C LEU A 67 20.12 7.33 -26.69
N LEU A 68 18.90 6.99 -26.32
CA LEU A 68 18.44 5.59 -26.42
C LEU A 68 18.45 5.07 -27.81
N ALA A 69 18.09 5.93 -28.77
CA ALA A 69 17.99 5.56 -30.18
C ALA A 69 19.32 5.61 -30.91
N HIS A 70 20.16 6.58 -30.62
CA HIS A 70 21.36 6.87 -31.43
C HIS A 70 22.68 6.48 -30.78
N GLU A 71 22.70 6.36 -29.47
CA GLU A 71 23.91 5.97 -28.72
C GLU A 71 23.76 4.53 -28.14
N GLU A 72 24.81 4.10 -27.49
CA GLU A 72 24.82 2.86 -26.72
C GLU A 72 23.98 2.87 -25.52
N SER A 73 23.18 1.82 -25.40
CA SER A 73 22.50 1.52 -24.19
C SER A 73 22.87 0.12 -23.69
N VAL A 74 22.41 -0.17 -22.49
CA VAL A 74 22.65 -1.44 -21.85
C VAL A 74 21.31 -2.12 -21.50
N ARG A 75 21.20 -3.39 -21.86
CA ARG A 75 20.03 -4.18 -21.46
C ARG A 75 20.27 -4.84 -20.04
N TRP A 76 19.41 -4.51 -19.10
CA TRP A 76 19.21 -5.23 -17.85
C TRP A 76 18.11 -6.28 -18.05
N GLY A 77 18.58 -7.50 -18.25
CA GLY A 77 17.75 -8.62 -18.58
C GLY A 77 17.82 -9.54 -17.36
N SER A 78 16.88 -10.46 -17.32
CA SER A 78 16.84 -11.58 -16.33
C SER A 78 16.29 -12.75 -17.10
N GLY A 79 16.14 -13.87 -16.42
CA GLY A 79 15.47 -15.07 -17.02
C GLY A 79 14.03 -14.74 -17.38
N ALA A 80 13.39 -14.01 -16.46
CA ALA A 80 12.00 -13.46 -16.62
C ALA A 80 11.79 -12.63 -17.90
N GLY A 81 12.85 -11.90 -18.32
CA GLY A 81 12.81 -11.06 -19.54
C GLY A 81 13.52 -9.74 -19.32
N THR A 82 13.09 -8.72 -20.05
CA THR A 82 13.72 -7.44 -19.98
C THR A 82 13.15 -6.51 -18.90
N VAL A 83 14.04 -6.26 -17.98
CA VAL A 83 13.79 -5.38 -16.86
C VAL A 83 13.80 -3.97 -17.35
N MET A 84 14.83 -3.64 -18.11
CA MET A 84 14.98 -2.31 -18.68
C MET A 84 16.14 -2.20 -19.67
N ASP A 85 16.14 -1.08 -20.38
CA ASP A 85 17.33 -0.65 -21.15
C ASP A 85 17.73 0.67 -20.51
N TYR A 86 19.03 0.91 -20.43
CA TYR A 86 19.49 2.14 -19.87
C TYR A 86 20.74 2.63 -20.53
N VAL A 87 20.85 3.92 -20.51
CA VAL A 87 22.09 4.56 -20.94
C VAL A 87 22.89 4.79 -19.68
N ALA A 88 24.07 4.18 -19.62
CA ALA A 88 24.96 4.19 -18.44
C ALA A 88 25.81 5.47 -18.45
N ASP A 89 25.96 6.03 -17.28
CA ASP A 89 26.81 7.20 -17.08
C ASP A 89 26.49 8.31 -18.12
N ALA A 90 25.21 8.59 -18.28
CA ALA A 90 24.73 9.38 -19.40
C ALA A 90 25.23 10.82 -19.39
N GLN A 91 25.56 11.26 -18.20
CA GLN A 91 26.13 12.57 -18.01
C GLN A 91 27.50 12.77 -18.58
N LEU A 92 28.23 11.72 -18.79
CA LEU A 92 29.62 11.84 -19.33
C LEU A 92 29.62 12.18 -20.78
N GLY A 93 28.70 11.63 -21.55
CA GLY A 93 28.58 11.90 -23.00
C GLY A 93 27.54 12.97 -23.43
N SER A 94 26.72 13.42 -22.53
CA SER A 94 25.70 14.39 -22.83
C SER A 94 25.68 15.53 -21.85
N ASP A 95 26.04 16.68 -22.31
CA ASP A 95 25.94 17.86 -21.47
C ASP A 95 24.42 17.99 -20.90
N THR A 96 23.44 17.70 -21.74
CA THR A 96 22.12 18.04 -21.49
C THR A 96 21.71 17.10 -20.23
N MET A 97 22.10 15.86 -20.29
CA MET A 97 22.02 15.07 -19.15
C MET A 97 22.85 15.48 -17.92
N ARG A 98 24.02 16.02 -18.14
CA ARG A 98 24.73 16.56 -17.02
C ARG A 98 24.00 17.72 -16.40
N ARG A 99 23.36 18.57 -17.22
CA ARG A 99 22.58 19.67 -16.63
C ARG A 99 21.46 19.13 -15.78
N LEU A 100 20.84 18.06 -16.22
CA LEU A 100 19.77 17.44 -15.39
C LEU A 100 20.34 16.85 -14.08
N ALA A 101 21.46 16.17 -14.19
CA ALA A 101 22.16 15.55 -13.05
C ALA A 101 22.55 16.54 -11.96
N THR A 102 22.88 17.75 -12.39
CA THR A 102 23.22 18.86 -11.51
C THR A 102 22.17 19.96 -11.45
N HIS A 103 20.97 19.70 -11.91
CA HIS A 103 19.89 20.61 -11.86
C HIS A 103 19.81 21.32 -10.52
N PRO A 104 19.71 22.63 -10.52
CA PRO A 104 19.78 23.32 -9.21
C PRO A 104 18.72 22.98 -8.19
N ARG A 105 17.52 22.83 -8.65
CA ARG A 105 16.44 22.50 -7.76
C ARG A 105 16.51 21.08 -7.21
N ILE A 106 16.80 20.12 -8.08
CA ILE A 106 16.97 18.75 -7.69
C ILE A 106 18.13 18.63 -6.68
N ALA A 107 19.21 19.36 -6.98
CA ALA A 107 20.44 19.29 -6.19
C ALA A 107 20.18 19.87 -4.84
N ALA A 108 19.53 21.02 -4.83
CA ALA A 108 19.21 21.65 -3.54
C ALA A 108 18.29 20.73 -2.64
N LEU A 109 17.31 20.08 -3.24
CA LEU A 109 16.45 19.18 -2.53
C LEU A 109 17.25 18.01 -1.97
N ALA A 110 18.08 17.40 -2.80
CA ALA A 110 18.88 16.31 -2.40
C ALA A 110 19.74 16.65 -1.17
N GLU A 111 20.39 17.80 -1.22
CA GLU A 111 21.26 18.17 -0.15
C GLU A 111 20.48 18.45 1.11
N TYR A 112 19.34 19.09 0.99
CA TYR A 112 18.52 19.35 2.14
C TYR A 112 18.04 17.98 2.74
N LEU A 113 17.62 17.05 1.91
CA LEU A 113 17.13 15.76 2.38
C LEU A 113 18.21 14.93 3.02
N ALA A 114 19.40 14.91 2.39
CA ALA A 114 20.50 14.16 2.90
C ALA A 114 21.05 14.75 4.17
N GLY A 115 20.95 16.06 4.32
CA GLY A 115 21.50 16.78 5.44
C GLY A 115 22.98 17.07 5.33
N SER A 116 23.61 16.91 4.18
CA SER A 116 25.06 17.20 4.01
C SER A 116 25.36 17.61 2.55
N PRO A 117 26.55 18.15 2.32
CA PRO A 117 26.96 18.39 0.95
C PRO A 117 27.14 17.08 0.22
N LEU A 118 26.82 17.12 -1.07
CA LEU A 118 26.80 15.99 -1.90
C LEU A 118 27.60 16.20 -3.16
N ARG A 119 27.91 15.07 -3.78
CA ARG A 119 28.48 14.95 -5.11
C ARG A 119 27.63 14.05 -5.98
N LEU A 120 27.71 14.29 -7.28
CA LEU A 120 27.07 13.41 -8.25
C LEU A 120 27.97 12.20 -8.43
N PHE A 121 27.35 11.00 -8.43
CA PHE A 121 28.04 9.74 -8.73
C PHE A 121 27.79 9.28 -10.12
N LYS A 122 26.53 9.25 -10.47
CA LYS A 122 26.13 8.97 -11.88
C LYS A 122 24.68 9.32 -12.18
N LEU A 123 24.41 9.55 -13.47
CA LEU A 123 23.05 9.61 -13.98
C LEU A 123 22.84 8.53 -15.01
N GLU A 124 21.72 7.84 -14.90
CA GLU A 124 21.27 6.92 -15.99
C GLU A 124 19.97 7.30 -16.63
N VAL A 125 19.80 7.01 -17.92
CA VAL A 125 18.55 7.18 -18.58
C VAL A 125 17.85 5.84 -18.62
N LEU A 126 16.60 5.75 -18.16
CA LEU A 126 15.94 4.45 -18.04
C LEU A 126 14.77 4.34 -18.97
N LEU A 127 14.66 3.19 -19.63
CA LEU A 127 13.56 2.86 -20.51
C LEU A 127 12.96 1.47 -20.17
N LYS A 128 11.68 1.44 -19.90
CA LYS A 128 10.88 0.22 -19.96
C LYS A 128 9.83 0.32 -20.98
N GLU A 129 9.83 -0.64 -21.86
CA GLU A 129 8.87 -0.71 -22.90
C GLU A 129 8.71 -2.09 -23.44
N ASN A 130 7.55 -2.31 -24.04
CA ASN A 130 7.24 -3.57 -24.78
C ASN A 130 7.68 -3.50 -26.25
N LYS A 131 8.48 -4.45 -26.66
CA LYS A 131 8.92 -4.56 -28.05
C LYS A 131 8.25 -5.82 -28.55
N GLU A 132 8.45 -6.04 -29.83
CA GLU A 132 8.09 -7.30 -30.43
C GLU A 132 8.86 -8.49 -29.90
N LYS A 133 8.13 -9.47 -29.42
CA LYS A 133 8.69 -10.69 -28.82
C LYS A 133 9.54 -10.43 -27.57
N ASP A 134 9.50 -9.22 -27.05
CA ASP A 134 10.22 -8.86 -25.84
C ASP A 134 9.38 -7.96 -24.95
N ALA A 135 8.65 -8.58 -24.07
CA ALA A 135 7.82 -7.88 -23.11
C ALA A 135 8.66 -7.35 -21.95
N SER A 136 8.31 -6.16 -21.55
CA SER A 136 8.74 -5.55 -20.31
C SER A 136 8.36 -6.47 -19.12
N VAL A 137 9.27 -6.58 -18.15
CA VAL A 137 9.04 -7.26 -16.88
C VAL A 137 9.28 -6.29 -15.72
N PRO A 138 8.86 -6.67 -14.49
CA PRO A 138 9.09 -5.79 -13.34
C PRO A 138 10.57 -5.63 -12.97
N THR A 139 10.83 -4.61 -12.23
CA THR A 139 12.07 -4.49 -11.54
C THR A 139 11.89 -5.14 -10.13
N ALA A 140 12.60 -6.24 -9.87
CA ALA A 140 12.52 -6.95 -8.61
C ALA A 140 12.98 -6.10 -7.39
N PRO A 141 12.38 -6.33 -6.21
CA PRO A 141 12.70 -5.58 -5.01
C PRO A 141 14.17 -5.66 -4.62
N HIS A 142 14.75 -4.53 -4.29
CA HIS A 142 16.11 -4.49 -3.87
C HIS A 142 16.33 -3.22 -3.09
N HIS A 143 17.49 -3.11 -2.50
CA HIS A 143 18.03 -1.81 -2.10
C HIS A 143 19.32 -1.50 -2.77
N ASP A 144 19.67 -0.24 -2.87
CA ASP A 144 20.70 0.12 -3.88
C ASP A 144 22.11 0.06 -3.29
N ALA A 145 22.22 0.22 -1.98
CA ALA A 145 23.53 0.44 -1.30
C ALA A 145 24.63 -0.53 -1.60
N PHE A 146 24.27 -1.78 -1.69
CA PHE A 146 25.28 -2.82 -1.82
C PHE A 146 25.94 -2.85 -3.18
N ALA A 147 25.36 -2.16 -4.15
CA ALA A 147 25.95 -2.07 -5.44
C ALA A 147 26.81 -0.79 -5.67
N PHE A 148 26.86 0.07 -4.66
CA PHE A 148 27.60 1.36 -4.72
C PHE A 148 29.05 1.15 -4.22
N PRO A 149 30.04 1.27 -5.12
CA PRO A 149 31.40 1.13 -4.74
C PRO A 149 32.03 2.40 -4.09
N PHE A 150 31.38 2.89 -3.06
CA PHE A 150 31.97 3.97 -2.28
C PHE A 150 31.60 3.82 -0.80
N SER A 151 32.39 4.51 -0.01
CA SER A 151 32.42 4.40 1.45
C SER A 151 31.13 4.83 2.12
N THR A 152 30.40 5.76 1.51
CA THR A 152 29.16 6.29 2.09
C THR A 152 27.90 5.76 1.42
N ALA A 153 28.04 4.59 0.82
CA ALA A 153 26.95 3.92 0.13
C ALA A 153 25.65 3.86 0.93
N GLY A 154 25.82 3.52 2.20
CA GLY A 154 24.76 3.42 3.17
C GLY A 154 23.93 4.68 3.40
N THR A 155 24.40 5.86 2.95
CA THR A 155 23.60 7.10 3.10
C THR A 155 23.37 7.82 1.75
N ALA A 156 23.73 7.17 0.67
CA ALA A 156 23.47 7.72 -0.64
C ALA A 156 21.99 7.82 -0.91
N LEU A 157 21.69 8.60 -1.90
CA LEU A 157 20.28 8.76 -2.34
C LEU A 157 20.14 8.94 -3.86
N THR A 158 18.98 8.52 -4.35
CA THR A 158 18.68 8.48 -5.76
C THR A 158 17.47 9.40 -6.11
N ALA A 159 17.64 10.29 -7.08
CA ALA A 159 16.54 11.08 -7.68
C ALA A 159 16.06 10.43 -8.97
N TRP A 160 14.78 10.01 -8.98
CA TRP A 160 14.20 9.34 -10.13
C TRP A 160 13.19 10.31 -10.72
N VAL A 161 13.48 10.78 -11.92
CA VAL A 161 12.70 11.90 -12.51
C VAL A 161 11.87 11.35 -13.65
N ALA A 162 10.58 11.54 -13.57
CA ALA A 162 9.71 11.10 -14.62
C ALA A 162 9.74 12.10 -15.82
N LEU A 163 10.08 11.59 -17.01
CA LEU A 163 10.07 12.39 -18.21
C LEU A 163 8.78 12.25 -19.03
N VAL A 164 7.93 11.29 -18.63
CA VAL A 164 6.58 11.15 -19.12
C VAL A 164 5.70 10.82 -17.94
N ASP A 165 4.40 10.75 -18.19
CA ASP A 165 3.43 10.29 -17.17
C ASP A 165 3.69 8.82 -16.88
N VAL A 166 3.80 8.48 -15.59
CA VAL A 166 4.09 7.12 -15.15
C VAL A 166 3.00 6.63 -14.19
N PRO A 167 1.84 6.32 -14.70
CA PRO A 167 0.88 5.72 -13.82
C PRO A 167 1.37 4.33 -13.44
N VAL A 168 0.62 3.71 -12.56
CA VAL A 168 0.91 2.37 -12.09
C VAL A 168 1.21 1.44 -13.24
N GLU A 169 0.34 1.39 -14.20
CA GLU A 169 0.48 0.40 -15.23
C GLU A 169 1.64 0.59 -16.19
N ARG A 170 2.25 1.77 -16.14
CA ARG A 170 3.44 2.06 -16.98
C ARG A 170 4.75 1.75 -16.25
N GLY A 171 4.63 1.18 -15.03
CA GLY A 171 5.79 0.69 -14.26
C GLY A 171 6.34 1.61 -13.22
N CYS A 172 5.51 2.34 -12.53
CA CYS A 172 5.98 3.22 -11.50
C CYS A 172 6.60 2.37 -10.42
N MET A 173 7.23 3.06 -9.48
CA MET A 173 7.92 2.41 -8.34
C MET A 173 7.02 2.16 -7.13
N THR A 174 7.47 1.19 -6.35
CA THR A 174 6.93 0.87 -5.03
C THR A 174 8.07 0.89 -4.03
N PHE A 175 7.81 1.46 -2.85
CA PHE A 175 8.78 1.59 -1.82
C PHE A 175 8.27 0.95 -0.54
N VAL A 176 9.18 0.46 0.31
CA VAL A 176 8.72 -0.12 1.64
C VAL A 176 9.11 0.86 2.70
N PRO A 177 8.14 1.61 3.23
CA PRO A 177 8.54 2.74 4.06
C PRO A 177 9.18 2.23 5.32
N GLY A 178 10.20 2.96 5.79
CA GLY A 178 10.91 2.51 7.01
C GLY A 178 11.94 1.42 6.78
N SER A 179 11.99 0.83 5.59
CA SER A 179 12.88 -0.32 5.36
C SER A 179 14.36 0.07 5.38
N HIS A 180 14.60 1.34 5.18
CA HIS A 180 15.96 1.92 5.28
C HIS A 180 16.53 1.94 6.69
N LEU A 181 15.66 1.78 7.69
CA LEU A 181 16.06 1.75 9.10
C LEU A 181 16.27 0.36 9.64
N LEU A 182 16.09 -0.65 8.81
CA LEU A 182 16.23 -2.02 9.22
C LEU A 182 17.73 -2.34 9.26
N PRO A 183 18.15 -3.34 10.10
CA PRO A 183 19.51 -3.81 10.05
C PRO A 183 19.83 -4.50 8.75
N ASP A 184 21.11 -4.74 8.50
CA ASP A 184 21.55 -5.48 7.30
C ASP A 184 20.99 -6.86 7.16
N PRO A 185 20.71 -7.26 5.91
CA PRO A 185 20.42 -8.67 5.70
C PRO A 185 21.70 -9.38 6.05
N ASP A 186 21.63 -10.60 6.52
CA ASP A 186 22.87 -11.33 6.94
C ASP A 186 23.68 -11.85 5.72
N THR A 187 23.11 -11.64 4.51
CA THR A 187 23.77 -11.74 3.20
C THR A 187 24.58 -10.46 2.93
N GLY A 194 19.33 -9.01 -0.63
CA GLY A 194 18.57 -9.39 0.59
C GLY A 194 17.29 -8.64 0.99
N ALA A 195 16.58 -8.07 0.02
CA ALA A 195 15.22 -7.59 0.24
C ALA A 195 14.27 -8.71 0.70
N PHE A 196 13.45 -8.33 1.66
CA PHE A 196 12.41 -9.22 2.29
C PHE A 196 12.99 -10.42 2.98
N THR A 197 14.23 -10.32 3.48
CA THR A 197 14.88 -11.45 4.27
C THR A 197 14.96 -11.19 5.77
N ARG A 198 14.76 -9.97 6.23
CA ARG A 198 14.85 -9.67 7.64
C ARG A 198 13.53 -10.00 8.32
N PRO A 199 13.59 -10.30 9.63
CA PRO A 199 12.38 -10.84 10.29
C PRO A 199 11.32 -9.74 10.38
N GLY A 200 10.09 -10.12 10.07
CA GLY A 200 9.00 -9.10 9.97
C GLY A 200 8.91 -8.29 8.68
N GLU A 201 9.98 -8.23 7.89
CA GLU A 201 9.99 -7.36 6.68
C GLU A 201 8.86 -7.62 5.67
N ILE A 202 8.51 -8.88 5.42
CA ILE A 202 7.46 -9.19 4.46
C ILE A 202 6.09 -8.57 4.90
N TRP A 203 5.91 -8.39 6.28
CA TRP A 203 4.65 -7.86 6.88
C TRP A 203 4.57 -6.28 6.72
N MET A 204 5.60 -5.67 6.22
CA MET A 204 5.62 -4.21 6.10
C MET A 204 4.96 -3.55 4.84
N PRO A 205 4.23 -2.48 5.07
CA PRO A 205 3.37 -2.13 4.01
C PRO A 205 4.16 -1.52 2.88
N ARG A 206 3.60 -1.56 1.71
CA ARG A 206 4.27 -1.06 0.55
C ARG A 206 3.51 0.00 -0.16
N VAL A 207 4.18 1.01 -0.66
CA VAL A 207 3.54 2.18 -1.22
C VAL A 207 3.99 2.39 -2.65
N THR A 208 3.03 2.30 -3.53
CA THR A 208 3.18 2.44 -4.93
C THR A 208 2.88 3.89 -5.25
N VAL A 209 3.79 4.48 -6.01
CA VAL A 209 3.80 5.93 -6.25
C VAL A 209 3.78 6.27 -7.71
N PRO A 210 2.60 6.40 -8.26
CA PRO A 210 2.56 6.93 -9.63
C PRO A 210 3.02 8.40 -9.68
N LEU A 211 3.55 8.77 -10.83
CA LEU A 211 4.19 10.09 -11.00
C LEU A 211 3.70 10.71 -12.30
N ARG A 212 3.39 12.00 -12.24
CA ARG A 212 3.25 12.78 -13.48
C ARG A 212 4.61 13.17 -14.08
N ALA A 213 4.62 13.44 -15.39
CA ALA A 213 5.80 13.99 -16.04
C ALA A 213 6.31 15.16 -15.24
N GLY A 214 7.62 15.18 -14.96
CA GLY A 214 8.30 16.29 -14.26
C GLY A 214 8.32 16.16 -12.77
N ASP A 215 7.58 15.19 -12.25
CA ASP A 215 7.71 14.80 -10.81
C ASP A 215 8.95 14.00 -10.62
N CYS A 216 9.43 13.97 -9.38
CA CYS A 216 10.44 12.98 -9.02
C CYS A 216 10.14 12.34 -7.70
N THR A 217 10.87 11.27 -7.49
CA THR A 217 11.08 10.73 -6.16
C THR A 217 12.56 10.85 -5.78
N PHE A 218 12.79 10.94 -4.47
CA PHE A 218 14.07 10.64 -3.87
C PHE A 218 13.93 9.43 -3.00
N HIS A 219 14.88 8.50 -3.14
CA HIS A 219 14.95 7.38 -2.18
C HIS A 219 16.35 7.11 -1.66
N HIS A 220 16.34 6.77 -0.40
CA HIS A 220 17.54 6.34 0.35
C HIS A 220 18.09 5.01 -0.17
N ALA A 221 19.39 4.88 -0.09
CA ALA A 221 20.13 3.72 -0.59
C ALA A 221 19.82 2.40 0.14
N ARG A 222 19.26 2.52 1.32
CA ARG A 222 18.79 1.34 2.10
CA ARG A 222 18.78 1.34 2.09
C ARG A 222 17.28 1.05 1.97
N THR A 223 16.54 1.93 1.24
CA THR A 223 15.10 1.71 1.09
C THR A 223 14.82 0.62 0.07
N VAL A 224 14.02 -0.37 0.43
CA VAL A 224 13.63 -1.41 -0.49
C VAL A 224 12.61 -0.82 -1.47
N HIS A 225 12.83 -1.08 -2.74
CA HIS A 225 12.02 -0.56 -3.80
C HIS A 225 12.01 -1.52 -4.96
N SER A 226 10.94 -1.39 -5.73
CA SER A 226 10.73 -2.20 -6.91
C SER A 226 9.97 -1.37 -7.94
N ALA A 227 9.61 -1.98 -9.06
CA ALA A 227 8.82 -1.29 -10.04
C ALA A 227 8.06 -2.28 -10.85
N GLY A 228 6.92 -1.84 -11.33
CA GLY A 228 6.07 -2.74 -12.17
C GLY A 228 6.64 -2.88 -13.56
N ALA A 229 6.08 -3.85 -14.27
CA ALA A 229 6.27 -3.97 -15.71
C ALA A 229 5.59 -2.78 -16.36
N ASN A 230 6.07 -2.37 -17.50
CA ASN A 230 5.25 -1.50 -18.32
C ASN A 230 4.27 -2.35 -19.13
N SER A 231 3.00 -2.36 -18.74
CA SER A 231 1.99 -3.04 -19.54
C SER A 231 1.23 -2.14 -20.53
N THR A 232 1.70 -0.94 -20.81
CA THR A 232 1.10 -0.07 -21.81
C THR A 232 1.95 -0.05 -23.09
N ASP A 233 1.39 0.55 -24.10
CA ASP A 233 2.05 0.82 -25.38
C ASP A 233 2.93 2.04 -25.40
N GLU A 234 3.01 2.81 -24.35
CA GLU A 234 3.79 4.05 -24.32
C GLU A 234 5.02 3.76 -23.43
N PRO A 235 6.21 4.08 -23.94
CA PRO A 235 7.40 3.77 -23.17
C PRO A 235 7.49 4.53 -21.87
N ARG A 236 8.05 3.89 -20.88
CA ARG A 236 8.33 4.52 -19.61
C ARG A 236 9.76 5.13 -19.74
N LEU A 237 9.87 6.43 -19.55
CA LEU A 237 11.15 7.14 -19.71
C LEU A 237 11.38 8.04 -18.53
N SER A 238 12.61 7.93 -18.00
CA SER A 238 12.95 8.64 -16.78
C SER A 238 14.43 8.70 -16.69
N THR A 239 14.88 9.45 -15.72
CA THR A 239 16.26 9.36 -15.34
C THR A 239 16.40 9.01 -13.87
N SER A 240 17.55 8.43 -13.55
CA SER A 240 17.92 8.07 -12.19
C SER A 240 19.33 8.49 -11.88
N ALA A 241 19.45 9.38 -10.91
CA ALA A 241 20.71 9.93 -10.54
C ALA A 241 21.03 9.59 -9.09
N VAL A 242 22.24 9.12 -8.87
CA VAL A 242 22.78 8.78 -7.54
C VAL A 242 23.72 9.89 -7.06
N TYR A 243 23.35 10.43 -5.94
CA TYR A 243 24.13 11.40 -5.20
C TYR A 243 24.73 10.77 -3.90
N MET A 244 25.92 11.22 -3.57
CA MET A 244 26.72 10.66 -2.51
C MET A 244 27.27 11.78 -1.70
N ASP A 245 27.58 11.47 -0.47
CA ASP A 245 28.29 12.38 0.43
C ASP A 245 29.53 12.93 -0.22
N ALA A 246 29.75 14.23 -0.05
CA ALA A 246 30.93 14.85 -0.61
C ALA A 246 32.27 14.27 -0.10
N THR A 247 32.26 13.60 1.03
CA THR A 247 33.45 12.89 1.51
C THR A 247 33.59 11.43 1.05
N ALA A 248 32.75 11.02 0.13
CA ALA A 248 32.83 9.68 -0.40
C ALA A 248 34.21 9.31 -0.93
N ALA A 249 34.62 8.10 -0.55
CA ALA A 249 35.79 7.46 -1.06
C ALA A 249 35.51 6.13 -1.72
N TYR A 250 36.41 5.79 -2.66
CA TYR A 250 36.26 4.55 -3.42
C TYR A 250 36.30 3.33 -2.48
N ARG A 251 35.36 2.45 -2.67
CA ARG A 251 35.32 1.19 -1.93
C ARG A 251 34.80 0.07 -2.80
N PRO A 252 35.67 -0.80 -3.32
CA PRO A 252 35.17 -1.83 -4.22
C PRO A 252 34.15 -2.79 -3.58
N THR A 253 33.11 -3.09 -4.31
CA THR A 253 32.13 -4.13 -3.90
C THR A 253 32.69 -5.50 -4.11
N GLY A 254 33.71 -5.64 -4.95
CA GLY A 254 34.25 -6.95 -5.34
C GLY A 254 33.57 -7.51 -6.58
N ILE A 255 32.53 -6.84 -7.04
CA ILE A 255 31.89 -7.17 -8.31
C ILE A 255 32.51 -6.29 -9.40
N ALA A 256 33.23 -6.90 -10.32
CA ALA A 256 33.95 -6.19 -11.41
C ALA A 256 33.10 -5.17 -12.14
N PHE A 257 31.92 -5.59 -12.55
CA PHE A 257 30.99 -4.76 -13.29
C PHE A 257 30.59 -3.47 -12.54
N LEU A 258 30.40 -3.56 -11.24
CA LEU A 258 30.05 -2.37 -10.40
C LEU A 258 31.27 -1.52 -9.99
N ASP A 259 32.43 -2.14 -9.94
CA ASP A 259 33.65 -1.46 -9.45
C ASP A 259 34.36 -0.63 -10.49
N ASP A 260 34.09 -0.92 -11.76
CA ASP A 260 34.81 -0.34 -12.92
C ASP A 260 34.10 0.94 -13.29
N LEU A 261 34.66 2.06 -12.91
CA LEU A 261 33.98 3.34 -13.07
C LEU A 261 34.60 3.96 -14.30
N PRO A 262 33.78 4.21 -15.34
CA PRO A 262 34.33 4.88 -16.52
C PRO A 262 34.60 6.37 -16.23
N GLY A 263 35.52 6.90 -17.03
CA GLY A 263 35.91 8.32 -17.02
C GLY A 263 36.73 8.72 -15.81
N THR A 264 37.49 7.77 -15.25
CA THR A 264 38.26 7.99 -14.01
C THR A 264 39.73 7.75 -14.22
N GLY A 265 40.20 7.83 -15.47
CA GLY A 265 41.60 7.57 -15.81
C GLY A 265 41.94 6.16 -16.29
N ALA A 266 43.18 5.98 -16.71
CA ALA A 266 43.67 4.67 -17.25
C ALA A 266 43.77 3.62 -16.14
N ASP A 267 44.37 4.02 -15.00
CA ASP A 267 44.63 3.12 -13.84
C ASP A 267 43.35 2.80 -13.05
N PRO A 268 43.16 1.50 -12.62
CA PRO A 268 41.98 1.31 -11.73
C PRO A 268 42.11 2.19 -10.43
N LEU A 269 41.00 2.43 -9.75
CA LEU A 269 41.02 3.24 -8.55
C LEU A 269 41.42 2.41 -7.35
N ARG A 270 42.13 3.06 -6.45
CA ARG A 270 42.59 2.39 -5.23
C ARG A 270 41.45 2.58 -4.16
N GLU A 271 41.20 1.52 -3.38
CA GLU A 271 40.40 1.66 -2.15
C GLU A 271 40.85 2.81 -1.25
N GLY A 272 39.88 3.65 -0.87
CA GLY A 272 40.07 4.84 -0.07
C GLY A 272 40.26 6.18 -0.78
N ALA A 273 40.33 6.01 -2.19
CA ALA A 273 40.71 7.18 -3.04
C ALA A 273 39.56 8.09 -3.06
N PRO A 274 39.76 9.42 -2.87
CA PRO A 274 38.58 10.21 -2.78
C PRO A 274 37.96 10.36 -4.18
N LEU A 275 36.63 10.53 -4.21
CA LEU A 275 35.96 10.71 -5.45
C LEU A 275 35.69 12.21 -5.52
N THR A 276 36.51 12.90 -6.32
CA THR A 276 36.47 14.36 -6.45
C THR A 276 36.68 14.82 -7.89
N GLY A 277 36.57 16.14 -8.09
CA GLY A 277 36.72 16.74 -9.40
C GLY A 277 35.43 16.72 -10.21
N ASP A 278 35.56 17.18 -11.44
CA ASP A 278 34.56 17.18 -12.54
C ASP A 278 33.87 15.89 -12.79
N ARG A 279 34.56 14.80 -12.60
CA ARG A 279 33.96 13.48 -12.78
C ARG A 279 32.90 13.12 -11.68
N PHE A 280 33.04 13.73 -10.52
CA PHE A 280 32.17 13.48 -9.31
C PHE A 280 31.82 14.78 -8.67
N PRO A 281 31.10 15.64 -9.41
CA PRO A 281 31.11 17.06 -9.03
C PRO A 281 30.31 17.32 -7.79
N LEU A 282 30.79 18.27 -7.02
CA LEU A 282 30.02 18.89 -5.99
C LEU A 282 28.70 19.44 -6.58
N LEU A 283 27.57 19.22 -5.92
CA LEU A 283 26.32 19.81 -6.35
C LEU A 283 26.19 21.27 -6.05
N ARG A 284 26.95 21.80 -5.13
CA ARG A 284 26.91 23.22 -4.84
C ARG A 284 28.35 23.77 -4.77
N ARG A 285 28.63 24.87 -5.47
CA ARG A 285 29.97 25.46 -5.48
C ARG A 285 30.42 25.73 -4.02
N PRO A 286 31.64 25.25 -3.61
CA PRO A 286 32.00 25.54 -2.20
C PRO A 286 32.44 27.04 -2.07
N GLN A 287 32.01 27.66 -0.97
CA GLN A 287 32.07 29.12 -0.82
C GLN A 287 33.50 29.56 -0.51
N THR A 288 33.94 30.63 -1.13
CA THR A 288 35.23 31.21 -0.76
C THR A 288 34.98 32.43 0.14
N ARG A 289 33.68 32.82 0.20
CA ARG A 289 33.19 34.13 0.71
C ARG A 289 32.42 33.96 2.02
N GLN A 290 32.89 34.70 3.03
CA GLN A 290 32.60 34.45 4.43
C GLN A 290 32.69 35.78 5.20
N PRO A 291 31.62 36.21 5.91
CA PRO A 291 31.72 37.34 6.89
C PRO A 291 32.90 37.32 7.88
N ASP B 29 31.75 30.83 12.55
CA ASP B 29 32.58 30.63 11.32
C ASP B 29 32.01 29.45 10.51
N PRO B 30 31.15 29.71 9.50
CA PRO B 30 30.52 28.58 8.73
C PRO B 30 31.53 27.59 8.04
N ALA B 31 32.67 28.12 7.59
CA ALA B 31 33.77 27.30 6.96
C ALA B 31 34.31 26.19 7.88
N ALA B 32 34.68 26.61 9.08
CA ALA B 32 35.29 25.72 10.09
C ALA B 32 34.26 24.70 10.58
N LEU B 33 33.01 25.13 10.64
CA LEU B 33 31.87 24.30 10.99
C LEU B 33 31.65 23.22 9.88
N GLU B 34 31.80 23.62 8.65
CA GLU B 34 31.74 22.68 7.51
C GLU B 34 32.84 21.64 7.56
N ARG B 35 34.03 22.12 7.90
CA ARG B 35 35.20 21.25 8.03
C ARG B 35 34.99 20.23 9.17
N LEU B 36 34.43 20.72 10.25
CA LEU B 36 34.13 19.93 11.40
C LEU B 36 33.10 18.79 11.10
N ALA B 37 32.06 19.16 10.40
CA ALA B 37 31.03 18.23 9.95
C ALA B 37 31.61 17.22 8.96
N ALA B 38 32.48 17.68 8.08
CA ALA B 38 33.09 16.77 7.10
CA ALA B 38 33.09 16.77 7.10
C ALA B 38 33.98 15.74 7.84
N ARG B 39 34.70 16.20 8.85
CA ARG B 39 35.48 15.28 9.76
C ARG B 39 34.57 14.27 10.42
N TYR B 40 33.46 14.76 10.95
CA TYR B 40 32.46 13.84 11.58
C TYR B 40 31.96 12.77 10.61
N ARG B 41 31.65 13.15 9.41
CA ARG B 41 31.13 12.25 8.41
C ARG B 41 32.15 11.19 7.96
N ARG B 42 33.38 11.64 7.76
CA ARG B 42 34.52 10.77 7.39
CA ARG B 42 34.51 10.78 7.39
C ARG B 42 34.92 9.85 8.55
N ASP B 43 35.08 10.40 9.73
CA ASP B 43 35.63 9.62 10.84
C ASP B 43 34.64 8.93 11.76
N GLY B 44 33.44 9.46 11.86
CA GLY B 44 32.43 8.96 12.77
C GLY B 44 32.52 9.48 14.18
N TYR B 45 33.40 10.41 14.39
CA TYR B 45 33.48 11.15 15.65
C TYR B 45 34.18 12.51 15.37
N VAL B 46 34.06 13.43 16.31
CA VAL B 46 34.82 14.67 16.28
C VAL B 46 34.95 15.26 17.71
N HIS B 47 36.07 15.92 17.93
CA HIS B 47 36.45 16.56 19.16
C HIS B 47 36.21 18.04 19.01
N VAL B 48 35.51 18.62 19.95
CA VAL B 48 35.26 20.06 19.97
C VAL B 48 35.72 20.67 21.29
N PRO B 49 36.80 21.42 21.26
CA PRO B 49 37.28 21.96 22.50
C PRO B 49 36.44 23.12 23.01
N GLY B 50 36.40 23.29 24.33
CA GLY B 50 35.83 24.50 24.92
C GLY B 50 34.37 24.70 24.56
N VAL B 51 33.61 23.64 24.53
CA VAL B 51 32.19 23.78 24.27
C VAL B 51 31.45 24.40 25.49
N LEU B 52 31.94 24.10 26.70
CA LEU B 52 31.55 24.80 27.92
C LEU B 52 32.61 25.78 28.35
N ASP B 53 32.20 26.95 28.88
CA ASP B 53 33.17 27.85 29.52
C ASP B 53 33.48 27.37 30.94
N ALA B 54 34.40 28.04 31.62
CA ALA B 54 34.89 27.60 32.97
C ALA B 54 33.80 27.60 34.06
N GLY B 55 32.96 28.64 34.02
CA GLY B 55 31.81 28.78 34.94
C GLY B 55 30.78 27.63 34.74
N GLU B 56 30.54 27.30 33.48
CA GLU B 56 29.62 26.23 33.13
C GLU B 56 30.13 24.89 33.61
N VAL B 57 31.41 24.67 33.39
CA VAL B 57 32.03 23.47 33.87
C VAL B 57 31.86 23.34 35.39
N ALA B 58 32.18 24.37 36.09
CA ALA B 58 32.04 24.31 37.53
C ALA B 58 30.60 23.99 37.98
N GLU B 59 29.64 24.65 37.35
CA GLU B 59 28.22 24.41 37.60
C GLU B 59 27.86 22.93 37.38
N TYR B 60 28.18 22.44 36.19
CA TYR B 60 27.77 21.09 35.83
C TYR B 60 28.54 20.05 36.66
N LEU B 61 29.78 20.37 37.00
CA LEU B 61 30.59 19.48 37.78
C LEU B 61 29.98 19.33 39.15
N ALA B 62 29.61 20.46 39.77
CA ALA B 62 29.03 20.41 41.10
C ALA B 62 27.77 19.59 41.10
N GLU B 63 26.95 19.81 40.10
CA GLU B 63 25.69 19.07 40.00
C GLU B 63 25.97 17.56 39.78
N ALA B 64 26.95 17.25 38.94
CA ALA B 64 27.32 15.85 38.74
C ALA B 64 27.68 15.19 40.04
N ARG B 65 28.46 15.89 40.83
CA ARG B 65 28.91 15.35 42.14
C ARG B 65 27.72 15.18 43.12
N ARG B 66 26.82 16.17 43.09
CA ARG B 66 25.65 16.20 43.95
C ARG B 66 24.73 15.02 43.63
N LEU B 67 24.56 14.76 42.36
CA LEU B 67 23.73 13.61 41.97
C LEU B 67 24.34 12.25 42.33
N LEU B 68 25.64 12.11 42.09
CA LEU B 68 26.35 10.88 42.40
C LEU B 68 26.30 10.63 43.93
N ALA B 69 26.33 11.67 44.73
CA ALA B 69 26.33 11.52 46.17
C ALA B 69 24.95 11.40 46.81
N HIS B 70 23.97 12.09 46.27
CA HIS B 70 22.64 12.25 46.93
C HIS B 70 21.55 11.43 46.27
N GLU B 71 21.73 11.08 45.02
CA GLU B 71 20.71 10.29 44.26
C GLU B 71 21.20 8.87 43.96
N GLU B 72 20.28 8.08 43.42
CA GLU B 72 20.58 6.73 43.07
C GLU B 72 21.31 6.58 41.71
N SER B 73 22.23 5.64 41.75
CA SER B 73 23.24 5.46 40.77
C SER B 73 23.27 4.01 40.40
N VAL B 74 23.84 3.72 39.24
CA VAL B 74 23.93 2.38 38.74
C VAL B 74 25.41 2.01 38.57
N ARG B 75 25.77 0.86 39.10
CA ARG B 75 27.09 0.30 38.93
C ARG B 75 27.10 -0.70 37.77
N TRP B 76 27.91 -0.36 36.77
CA TRP B 76 28.27 -1.27 35.67
C TRP B 76 29.61 -1.88 36.07
N GLY B 77 29.50 -3.10 36.55
CA GLY B 77 30.59 -3.84 37.08
C GLY B 77 30.87 -4.99 36.14
N SER B 78 32.01 -5.59 36.44
CA SER B 78 32.47 -6.81 35.78
C SER B 78 33.18 -7.58 36.88
N GLY B 79 33.68 -8.74 36.53
CA GLY B 79 34.53 -9.55 37.49
C GLY B 79 35.80 -8.78 37.93
N ALA B 80 36.39 -8.07 36.94
CA ALA B 80 37.62 -7.24 37.09
C ALA B 80 37.55 -6.10 38.16
N GLY B 81 36.35 -5.55 38.33
CA GLY B 81 36.12 -4.28 39.03
C GLY B 81 35.01 -3.52 38.32
N THR B 82 35.08 -2.22 38.41
CA THR B 82 33.95 -1.38 38.02
C THR B 82 34.24 -0.70 36.66
N VAL B 83 33.37 -0.91 35.68
CA VAL B 83 33.50 -0.22 34.40
C VAL B 83 33.18 1.26 34.65
N MET B 84 32.07 1.47 35.33
CA MET B 84 31.65 2.79 35.73
C MET B 84 30.47 2.77 36.68
N ASP B 85 30.28 3.90 37.34
CA ASP B 85 29.04 4.25 37.98
C ASP B 85 28.40 5.34 37.17
N TYR B 86 27.09 5.28 37.05
CA TYR B 86 26.36 6.30 36.36
C TYR B 86 25.01 6.64 36.95
N VAL B 87 24.63 7.90 36.73
CA VAL B 87 23.28 8.32 37.06
C VAL B 87 22.48 8.23 35.77
N ALA B 88 21.48 7.36 35.77
CA ALA B 88 20.67 7.08 34.59
C ALA B 88 19.61 8.16 34.40
N ASP B 89 19.35 8.51 33.16
CA ASP B 89 18.25 9.47 32.83
C ASP B 89 18.31 10.68 33.76
N ALA B 90 19.52 11.18 33.95
CA ALA B 90 19.78 12.23 34.92
C ALA B 90 18.96 13.51 34.68
N GLN B 91 18.68 13.76 33.42
CA GLN B 91 17.90 14.94 33.01
C GLN B 91 16.49 14.92 33.54
N LEU B 92 15.94 13.76 33.86
CA LEU B 92 14.54 13.71 34.41
C LEU B 92 14.44 14.26 35.80
N GLY B 93 15.40 13.94 36.66
CA GLY B 93 15.36 14.39 38.04
C GLY B 93 16.10 15.70 38.25
N SER B 94 16.96 16.09 37.32
CA SER B 94 17.76 17.33 37.51
C SER B 94 17.50 18.31 36.36
N ASP B 95 16.92 19.44 36.67
CA ASP B 95 16.85 20.60 35.70
C ASP B 95 18.22 21.03 35.19
N THR B 96 19.18 21.06 36.10
CA THR B 96 20.54 21.48 35.74
C THR B 96 21.09 20.56 34.66
N MET B 97 20.95 19.27 34.87
CA MET B 97 21.38 18.33 33.83
C MET B 97 20.56 18.44 32.56
N ARG B 98 19.31 18.78 32.67
CA ARG B 98 18.49 18.96 31.46
C ARG B 98 18.99 20.20 30.72
N ARG B 99 19.43 21.26 31.44
CA ARG B 99 20.04 22.45 30.74
C ARG B 99 21.30 22.05 30.00
N LEU B 100 22.07 21.15 30.57
CA LEU B 100 23.26 20.66 29.85
C LEU B 100 22.90 19.81 28.63
N ALA B 101 21.94 18.92 28.82
CA ALA B 101 21.42 18.01 27.76
C ALA B 101 20.87 18.82 26.55
N THR B 102 20.28 19.97 26.85
CA THR B 102 19.73 20.89 25.81
C THR B 102 20.57 22.17 25.59
N HIS B 103 21.79 22.16 26.09
CA HIS B 103 22.69 23.28 25.91
C HIS B 103 22.66 23.83 24.48
N PRO B 104 22.44 25.12 24.29
CA PRO B 104 22.29 25.62 22.93
C PRO B 104 23.44 25.38 21.98
N ARG B 105 24.66 25.52 22.47
CA ARG B 105 25.83 25.32 21.65
C ARG B 105 26.07 23.83 21.29
N ILE B 106 25.94 22.97 22.27
CA ILE B 106 26.02 21.53 22.05
C ILE B 106 24.94 21.07 21.06
N ALA B 107 23.75 21.58 21.28
CA ALA B 107 22.57 21.21 20.49
C ALA B 107 22.70 21.65 19.07
N ALA B 108 23.14 22.90 18.90
CA ALA B 108 23.39 23.41 17.50
C ALA B 108 24.47 22.63 16.78
N LEU B 109 25.54 22.28 17.49
CA LEU B 109 26.60 21.40 16.93
C LEU B 109 26.06 20.02 16.55
N ALA B 110 25.35 19.40 17.45
CA ALA B 110 24.77 18.06 17.16
C ALA B 110 23.88 18.08 15.91
N GLU B 111 23.03 19.09 15.81
CA GLU B 111 22.13 19.14 14.67
C GLU B 111 22.91 19.39 13.39
N TYR B 112 23.92 20.24 13.46
CA TYR B 112 24.73 20.49 12.29
C TYR B 112 25.48 19.24 11.87
N LEU B 113 26.03 18.54 12.80
CA LEU B 113 26.71 17.31 12.47
C LEU B 113 25.79 16.23 11.94
N ALA B 114 24.67 16.09 12.57
CA ALA B 114 23.73 15.04 12.16
C ALA B 114 23.06 15.37 10.83
N GLY B 115 22.93 16.66 10.53
CA GLY B 115 22.30 17.10 9.31
C GLY B 115 20.77 17.08 9.34
N SER B 116 20.17 16.96 10.51
CA SER B 116 18.72 16.95 10.64
C SER B 116 18.31 17.49 12.03
N PRO B 117 17.04 17.84 12.18
CA PRO B 117 16.53 18.15 13.51
C PRO B 117 16.59 16.92 14.41
N LEU B 118 16.85 17.21 15.67
CA LEU B 118 17.11 16.19 16.70
C LEU B 118 16.27 16.38 17.92
N ARG B 119 16.14 15.28 18.64
CA ARG B 119 15.55 15.24 19.93
C ARG B 119 16.55 14.65 20.92
N LEU B 120 16.40 15.04 22.17
CA LEU B 120 17.13 14.40 23.29
C LEU B 120 16.47 13.07 23.65
N PHE B 121 17.27 12.04 23.80
CA PHE B 121 16.79 10.69 24.22
C PHE B 121 17.10 10.49 25.71
N LYS B 122 18.35 10.76 26.05
CA LYS B 122 18.77 10.71 27.45
C LYS B 122 20.16 11.35 27.70
N LEU B 123 20.35 11.75 28.95
CA LEU B 123 21.64 12.16 29.48
C LEU B 123 22.00 11.33 30.66
N GLU B 124 23.24 10.86 30.66
CA GLU B 124 23.81 10.14 31.83
C GLU B 124 24.99 10.83 32.45
N VAL B 125 25.11 10.77 33.77
CA VAL B 125 26.30 11.28 34.48
C VAL B 125 27.24 10.13 34.71
N LEU B 126 28.49 10.22 34.28
CA LEU B 126 29.42 9.07 34.27
C LEU B 126 30.58 9.27 35.18
N LEU B 127 30.91 8.24 35.97
CA LEU B 127 31.98 8.26 36.94
C LEU B 127 32.86 7.02 36.81
N LYS B 128 34.15 7.22 36.52
CA LYS B 128 35.17 6.17 36.66
C LYS B 128 36.14 6.62 37.72
N GLU B 129 36.30 5.79 38.72
CA GLU B 129 37.24 6.04 39.78
C GLU B 129 37.69 4.74 40.43
N ASN B 130 38.85 4.81 41.07
CA ASN B 130 39.33 3.71 41.95
C ASN B 130 38.84 3.84 43.37
N LYS B 131 38.28 2.76 43.89
CA LYS B 131 37.90 2.67 45.31
C LYS B 131 38.77 1.56 45.90
N GLU B 132 38.70 1.44 47.23
CA GLU B 132 39.36 0.34 47.96
C GLU B 132 38.72 -1.02 47.55
N LYS B 133 39.57 -1.93 47.09
CA LYS B 133 39.18 -3.29 46.59
C LYS B 133 38.32 -3.31 45.33
N ASP B 134 38.18 -2.15 44.66
CA ASP B 134 37.30 -2.04 43.49
C ASP B 134 37.95 -1.07 42.48
N ALA B 135 38.83 -1.64 41.69
CA ALA B 135 39.59 -0.88 40.74
C ALA B 135 38.71 -0.57 39.54
N SER B 136 38.89 0.63 39.05
CA SER B 136 38.40 1.06 37.72
C SER B 136 38.95 0.16 36.64
N VAL B 137 38.09 -0.19 35.71
CA VAL B 137 38.50 -1.03 34.56
C VAL B 137 38.08 -0.31 33.27
N PRO B 138 38.62 -0.75 32.12
CA PRO B 138 38.26 -0.13 30.87
C PRO B 138 36.81 -0.31 30.49
N THR B 139 36.31 0.61 29.66
CA THR B 139 35.04 0.39 28.92
C THR B 139 35.42 -0.40 27.64
N ALA B 140 34.91 -1.60 27.50
CA ALA B 140 35.20 -2.47 26.33
C ALA B 140 34.68 -1.90 24.99
N PRO B 141 35.39 -2.20 23.88
CA PRO B 141 35.00 -1.67 22.60
C PRO B 141 33.60 -2.06 22.22
N HIS B 142 32.84 -1.13 21.73
CA HIS B 142 31.49 -1.41 21.27
C HIS B 142 31.03 -0.30 20.36
N HIS B 143 29.90 -0.51 19.72
CA HIS B 143 29.15 0.64 19.18
C HIS B 143 27.81 0.77 19.85
N ASP B 144 27.19 1.93 19.77
CA ASP B 144 26.11 2.18 20.65
C ASP B 144 24.74 1.72 20.09
N ALA B 145 24.62 1.65 18.77
CA ALA B 145 23.30 1.61 18.10
C ALA B 145 22.38 0.47 18.57
N PHE B 146 22.97 -0.68 18.79
CA PHE B 146 22.18 -1.88 19.09
C PHE B 146 21.52 -1.83 20.45
N ALA B 147 21.92 -0.92 21.29
CA ALA B 147 21.29 -0.71 22.56
C ALA B 147 20.24 0.40 22.60
N PHE B 148 20.02 1.03 21.47
CA PHE B 148 19.04 2.11 21.40
C PHE B 148 17.69 1.58 20.95
N PRO B 149 16.65 1.68 21.81
CA PRO B 149 15.34 1.14 21.47
C PRO B 149 14.49 2.16 20.64
N PHE B 150 15.07 2.61 19.55
CA PHE B 150 14.33 3.49 18.66
C PHE B 150 14.76 3.32 17.20
N SER B 151 13.84 3.72 16.33
CA SER B 151 13.86 3.36 14.89
C SER B 151 15.08 3.93 14.23
N THR B 152 15.56 5.05 14.72
CA THR B 152 16.71 5.74 14.04
C THR B 152 18.01 5.61 14.82
N ALA B 153 18.09 4.52 15.54
CA ALA B 153 19.30 4.13 16.27
C ALA B 153 20.57 4.26 15.45
N GLY B 154 20.51 3.73 14.25
CA GLY B 154 21.62 3.70 13.29
C GLY B 154 22.22 5.06 12.91
N THR B 155 21.51 6.16 13.18
CA THR B 155 22.08 7.48 12.89
C THR B 155 22.19 8.36 14.10
N ALA B 156 21.92 7.81 15.27
CA ALA B 156 22.00 8.59 16.45
C ALA B 156 23.43 9.06 16.73
N LEU B 157 23.54 9.99 17.65
CA LEU B 157 24.83 10.46 18.06
C LEU B 157 24.87 10.89 19.49
N THR B 158 26.06 10.74 20.04
CA THR B 158 26.31 10.96 21.49
C THR B 158 27.30 12.11 21.72
N ALA B 159 26.93 13.04 22.58
CA ALA B 159 27.82 14.07 23.08
C ALA B 159 28.39 13.69 24.43
N TRP B 160 29.69 13.52 24.47
CA TRP B 160 30.41 13.20 25.71
C TRP B 160 31.19 14.39 26.18
N VAL B 161 30.78 14.95 27.31
CA VAL B 161 31.28 16.24 27.80
C VAL B 161 32.16 16.00 29.02
N ALA B 162 33.41 16.44 28.95
CA ALA B 162 34.36 16.32 30.07
C ALA B 162 34.10 17.39 31.11
N LEU B 163 33.88 16.97 32.35
CA LEU B 163 33.66 17.91 33.45
C LEU B 163 34.91 18.15 34.30
N VAL B 164 35.94 17.36 34.04
CA VAL B 164 37.28 17.56 34.58
C VAL B 164 38.23 17.27 33.44
N ASP B 165 39.48 17.54 33.65
CA ASP B 165 40.53 17.13 32.71
C ASP B 165 40.58 15.57 32.59
N VAL B 166 40.61 15.09 31.36
CA VAL B 166 40.62 13.70 31.11
C VAL B 166 41.83 13.39 30.20
N PRO B 167 43.04 13.34 30.76
CA PRO B 167 44.12 12.78 29.99
C PRO B 167 43.93 11.29 29.78
N VAL B 168 44.78 10.73 28.93
CA VAL B 168 44.73 9.31 28.59
C VAL B 168 44.61 8.40 29.86
N GLU B 169 45.47 8.62 30.84
CA GLU B 169 45.50 7.75 32.01
C GLU B 169 44.27 7.89 32.93
N ARG B 170 43.45 8.91 32.69
CA ARG B 170 42.21 9.08 33.46
C ARG B 170 40.98 8.39 32.80
N GLY B 171 41.21 7.73 31.69
CA GLY B 171 40.22 6.94 31.01
C GLY B 171 39.50 7.68 29.88
N CYS B 172 40.25 8.48 29.10
CA CYS B 172 39.64 9.09 27.94
C CYS B 172 39.26 8.00 26.93
N MET B 173 38.51 8.42 25.94
CA MET B 173 38.00 7.50 24.91
C MET B 173 38.96 7.28 23.73
N THR B 174 38.76 6.16 23.07
CA THR B 174 39.37 5.78 21.82
C THR B 174 38.30 5.44 20.76
N PHE B 175 38.48 5.92 19.52
CA PHE B 175 37.54 5.74 18.46
C PHE B 175 38.24 5.05 17.31
N VAL B 176 37.49 4.29 16.53
CA VAL B 176 38.03 3.69 15.30
C VAL B 176 37.44 4.50 14.11
N PRO B 177 38.24 5.39 13.47
CA PRO B 177 37.69 6.22 12.43
C PRO B 177 37.23 5.40 11.26
N GLY B 178 36.10 5.80 10.73
CA GLY B 178 35.52 5.10 9.59
C GLY B 178 34.70 3.86 9.94
N SER B 179 34.72 3.45 11.19
CA SER B 179 34.12 2.17 11.56
C SER B 179 32.58 2.25 11.45
N HIS B 180 32.05 3.48 11.50
CA HIS B 180 30.62 3.76 11.31
C HIS B 180 30.08 3.46 9.94
N LEU B 181 30.97 3.35 8.96
CA LEU B 181 30.62 3.02 7.56
C LEU B 181 30.73 1.54 7.23
N LEU B 182 31.13 0.72 8.19
CA LEU B 182 31.28 -0.70 7.97
C LEU B 182 29.87 -1.37 7.97
N PRO B 183 29.74 -2.53 7.36
CA PRO B 183 28.48 -3.28 7.50
C PRO B 183 28.27 -3.78 8.91
N ASP B 184 27.05 -4.14 9.23
CA ASP B 184 26.74 -4.79 10.52
C ASP B 184 27.55 -6.03 10.82
N PRO B 185 27.92 -6.21 12.09
CA PRO B 185 28.47 -7.48 12.45
C PRO B 185 27.34 -8.48 12.23
N ASP B 186 27.66 -9.73 11.90
CA ASP B 186 26.59 -10.74 11.60
C ASP B 186 25.94 -11.30 12.90
N THR B 187 26.49 -10.88 14.05
CA THR B 187 25.90 -11.15 15.38
C THR B 187 24.46 -10.55 15.63
N GLY B 188 24.00 -9.58 14.81
CA GLY B 188 22.61 -9.04 14.88
C GLY B 188 22.28 -8.08 16.05
N ASP B 189 21.29 -8.43 16.88
CA ASP B 189 20.77 -7.60 18.08
C ASP B 189 21.70 -6.96 19.19
N GLU B 190 22.59 -7.67 19.89
CA GLU B 190 23.33 -7.11 21.08
C GLU B 190 24.78 -6.71 20.75
N GLY B 194 29.52 -7.16 18.80
CA GLY B 194 30.37 -7.34 17.55
C GLY B 194 31.52 -6.37 17.07
N ALA B 195 32.06 -5.53 17.97
CA ALA B 195 33.27 -4.74 17.65
C ALA B 195 34.47 -5.66 17.36
N PHE B 196 35.20 -5.26 16.36
CA PHE B 196 36.39 -5.99 15.84
C PHE B 196 36.10 -7.39 15.31
N THR B 197 34.89 -7.60 14.78
CA THR B 197 34.51 -8.87 14.15
C THR B 197 34.42 -8.77 12.62
N ARG B 198 34.38 -7.60 12.03
CA ARG B 198 34.24 -7.52 10.59
C ARG B 198 35.60 -7.62 9.89
N PRO B 199 35.60 -7.96 8.59
CA PRO B 199 36.88 -8.35 7.99
C PRO B 199 37.69 -7.10 7.83
N GLY B 200 38.96 -7.19 8.20
CA GLY B 200 39.83 -5.97 8.18
C GLY B 200 39.74 -5.05 9.39
N GLU B 201 38.71 -5.19 10.21
CA GLU B 201 38.49 -4.20 11.30
C GLU B 201 39.66 -4.07 12.26
N ILE B 202 40.28 -5.19 12.59
CA ILE B 202 41.36 -5.15 13.61
C ILE B 202 42.60 -4.36 13.10
N TRP B 203 42.71 -4.24 11.77
CA TRP B 203 43.80 -3.53 11.08
C TRP B 203 43.52 -2.03 10.92
N MET B 204 42.40 -1.58 11.42
CA MET B 204 42.07 -0.16 11.31
C MET B 204 42.73 0.64 12.44
N PRO B 205 43.19 1.85 12.12
CA PRO B 205 43.78 2.66 13.13
C PRO B 205 42.78 3.10 14.17
N ARG B 206 43.29 3.41 15.35
CA ARG B 206 42.49 3.83 16.45
C ARG B 206 43.01 5.10 17.00
N VAL B 207 42.12 5.99 17.40
CA VAL B 207 42.52 7.32 17.80
C VAL B 207 42.05 7.54 19.19
N THR B 208 43.01 7.84 20.07
CA THR B 208 42.77 8.10 21.46
C THR B 208 42.73 9.61 21.67
N VAL B 209 41.73 10.08 22.39
CA VAL B 209 41.36 11.47 22.42
C VAL B 209 41.27 11.99 23.84
N PRO B 210 42.37 12.38 24.41
CA PRO B 210 42.25 13.11 25.65
C PRO B 210 41.52 14.44 25.51
N LEU B 211 40.91 14.83 26.61
CA LEU B 211 40.04 15.99 26.64
C LEU B 211 40.31 16.84 27.85
N ARG B 212 40.32 18.14 27.65
CA ARG B 212 40.30 19.08 28.75
CA ARG B 212 40.31 19.08 28.76
C ARG B 212 38.88 19.30 29.25
N ALA B 213 38.78 19.70 30.49
CA ALA B 213 37.49 20.11 31.10
C ALA B 213 36.78 21.12 30.22
N GLY B 214 35.49 20.87 29.97
CA GLY B 214 34.70 21.66 29.04
C GLY B 214 34.82 21.36 27.52
N ASP B 215 35.70 20.47 27.11
CA ASP B 215 35.67 19.90 25.81
C ASP B 215 34.58 18.82 25.69
N CYS B 216 34.19 18.53 24.45
CA CYS B 216 33.41 17.35 24.21
C CYS B 216 33.85 16.61 22.95
N THR B 217 33.37 15.39 22.87
CA THR B 217 33.35 14.66 21.64
C THR B 217 31.88 14.41 21.23
N PHE B 218 31.69 14.26 19.92
CA PHE B 218 30.49 13.68 19.33
C PHE B 218 30.89 12.41 18.61
N HIS B 219 30.12 11.33 18.85
CA HIS B 219 30.32 10.12 18.08
C HIS B 219 29.03 9.49 17.60
N HIS B 220 29.12 9.04 16.38
CA HIS B 220 28.02 8.30 15.72
C HIS B 220 27.74 6.99 16.43
N ALA B 221 26.49 6.58 16.38
CA ALA B 221 26.00 5.35 16.97
C ALA B 221 26.58 4.07 16.39
N ARG B 222 27.16 4.15 15.22
CA ARG B 222 27.90 3.01 14.61
C ARG B 222 29.45 3.09 14.71
N THR B 223 29.97 4.16 15.30
CA THR B 223 31.39 4.22 15.56
C THR B 223 31.86 3.35 16.71
N VAL B 224 32.83 2.48 16.46
CA VAL B 224 33.45 1.66 17.50
C VAL B 224 34.30 2.55 18.41
N HIS B 225 34.04 2.43 19.70
CA HIS B 225 34.73 3.22 20.71
C HIS B 225 34.92 2.43 21.99
N SER B 226 35.91 2.87 22.77
CA SER B 226 36.25 2.25 24.04
C SER B 226 36.77 3.35 24.96
N ALA B 227 37.06 2.99 26.18
CA ALA B 227 37.67 3.93 27.09
C ALA B 227 38.62 3.18 28.02
N GLY B 228 39.71 3.85 28.39
CA GLY B 228 40.66 3.29 29.33
C GLY B 228 40.08 3.22 30.75
N ALA B 229 40.75 2.45 31.59
CA ALA B 229 40.59 2.53 33.03
C ALA B 229 41.05 3.89 33.52
N ASN B 230 40.45 4.34 34.61
CA ASN B 230 41.02 5.46 35.33
C ASN B 230 42.09 4.89 36.24
N SER B 231 43.34 5.09 35.86
CA SER B 231 44.43 4.67 36.73
C SER B 231 44.95 5.80 37.64
N THR B 232 44.26 6.92 37.74
CA THR B 232 44.69 8.03 38.60
C THR B 232 43.85 8.01 39.84
N ASP B 233 44.25 8.80 40.80
CA ASP B 233 43.47 8.95 42.01
C ASP B 233 42.50 10.13 41.92
N GLU B 234 42.29 10.74 40.76
CA GLU B 234 41.28 11.80 40.57
C GLU B 234 40.14 11.19 39.75
N PRO B 235 38.90 11.36 40.21
CA PRO B 235 37.81 10.73 39.46
C PRO B 235 37.60 11.30 38.07
N ARG B 236 37.16 10.43 37.16
CA ARG B 236 36.77 10.83 35.82
C ARG B 236 35.28 11.12 35.86
N LEU B 237 34.93 12.34 35.51
CA LEU B 237 33.56 12.82 35.58
C LEU B 237 33.23 13.46 34.26
N SER B 238 32.08 13.05 33.73
CA SER B 238 31.60 13.53 32.46
C SER B 238 30.14 13.26 32.35
N THR B 239 29.56 13.81 31.28
CA THR B 239 28.20 13.45 30.92
C THR B 239 28.18 12.90 29.54
N SER B 240 27.19 12.07 29.28
CA SER B 240 26.99 11.45 27.96
C SER B 240 25.53 11.56 27.56
N ALA B 241 25.24 12.32 26.47
CA ALA B 241 23.91 12.56 26.03
C ALA B 241 23.70 11.97 24.63
N VAL B 242 22.63 11.22 24.49
CA VAL B 242 22.22 10.62 23.20
C VAL B 242 21.13 11.45 22.57
N TYR B 243 21.40 11.83 21.33
CA TYR B 243 20.49 12.56 20.52
C TYR B 243 20.05 11.70 19.37
N MET B 244 18.79 11.88 19.01
CA MET B 244 18.15 11.06 17.98
C MET B 244 17.38 11.93 17.02
N ASP B 245 17.20 11.42 15.85
CA ASP B 245 16.39 12.07 14.83
C ASP B 245 15.01 12.45 15.40
N ALA B 246 14.55 13.63 15.07
CA ALA B 246 13.29 14.09 15.52
C ALA B 246 12.09 13.23 15.04
N THR B 247 12.26 12.41 14.00
CA THR B 247 11.23 11.44 13.66
C THR B 247 11.34 10.02 14.33
N ALA B 248 12.20 9.89 15.29
CA ALA B 248 12.40 8.63 16.01
C ALA B 248 11.13 8.09 16.57
N ALA B 249 10.92 6.81 16.31
CA ALA B 249 9.89 6.05 16.93
C ALA B 249 10.44 4.90 17.81
N TYR B 250 9.58 4.49 18.75
CA TYR B 250 9.92 3.39 19.69
C TYR B 250 10.14 2.09 18.98
N ARG B 251 11.27 1.45 19.30
CA ARG B 251 11.57 0.12 18.71
C ARG B 251 12.30 -0.74 19.73
N PRO B 252 11.60 -1.69 20.37
CA PRO B 252 12.29 -2.46 21.40
C PRO B 252 13.49 -3.22 20.85
N THR B 253 14.56 -3.22 21.61
CA THR B 253 15.73 -4.14 21.39
C THR B 253 15.45 -5.59 21.79
N GLY B 254 14.44 -5.83 22.65
CA GLY B 254 14.22 -7.14 23.26
C GLY B 254 14.98 -7.36 24.57
N ILE B 255 15.83 -6.42 24.93
CA ILE B 255 16.47 -6.36 26.22
C ILE B 255 15.66 -5.46 27.15
N ALA B 256 15.05 -6.04 28.18
CA ALA B 256 14.12 -5.36 29.12
C ALA B 256 14.73 -4.09 29.67
N PHE B 257 15.96 -4.19 30.16
CA PHE B 257 16.61 -3.06 30.83
C PHE B 257 16.81 -1.85 29.88
N LEU B 258 17.07 -2.13 28.61
CA LEU B 258 17.16 -1.06 27.58
C LEU B 258 15.81 -0.55 27.05
N ASP B 259 14.82 -1.40 27.05
CA ASP B 259 13.52 -1.06 26.45
C ASP B 259 12.64 -0.30 27.38
N ASP B 260 12.89 -0.42 28.66
CA ASP B 260 12.06 0.17 29.66
C ASP B 260 12.49 1.58 29.83
N LEU B 261 11.68 2.51 29.35
CA LEU B 261 12.02 3.92 29.38
C LEU B 261 11.27 4.62 30.49
N PRO B 262 11.99 5.21 31.42
CA PRO B 262 11.30 5.84 32.51
C PRO B 262 10.76 7.17 32.07
N GLY B 263 9.75 7.62 32.78
CA GLY B 263 9.13 8.91 32.56
C GLY B 263 8.29 8.99 31.29
N THR B 264 7.74 7.85 30.86
CA THR B 264 6.96 7.74 29.63
C THR B 264 5.55 7.22 29.85
N GLY B 265 5.00 7.39 31.07
CA GLY B 265 3.65 6.94 31.42
C GLY B 265 3.56 5.58 32.09
N ALA B 266 2.33 5.24 32.50
CA ALA B 266 2.05 3.96 33.21
C ALA B 266 2.17 2.77 32.23
N ASP B 267 1.56 2.92 31.04
CA ASP B 267 1.50 1.83 30.00
C ASP B 267 2.86 1.63 29.28
N PRO B 268 3.28 0.35 28.99
CA PRO B 268 4.52 0.25 28.18
C PRO B 268 4.30 0.89 26.79
N LEU B 269 5.39 1.23 26.13
CA LEU B 269 5.29 1.87 24.82
C LEU B 269 5.17 0.85 23.76
N ARG B 270 4.40 1.22 22.76
CA ARG B 270 4.14 0.35 21.65
C ARG B 270 5.28 0.60 20.66
N GLU B 271 5.78 -0.48 20.08
CA GLU B 271 6.52 -0.39 18.84
C GLU B 271 5.87 0.54 17.76
N GLY B 272 6.71 1.46 17.25
CA GLY B 272 6.33 2.51 16.29
C GLY B 272 5.94 3.87 16.90
N ALA B 273 5.65 3.87 18.22
CA ALA B 273 5.12 5.09 18.93
C ALA B 273 6.04 6.18 18.80
N PRO B 274 5.58 7.38 18.44
CA PRO B 274 6.61 8.39 18.30
C PRO B 274 7.14 8.80 19.66
N LEU B 275 8.38 9.28 19.69
CA LEU B 275 9.00 9.77 20.90
C LEU B 275 9.01 11.27 20.78
N THR B 276 8.06 11.90 21.45
CA THR B 276 7.81 13.31 21.36
C THR B 276 7.48 13.90 22.71
N GLY B 277 7.33 15.23 22.72
CA GLY B 277 6.98 15.96 23.93
C GLY B 277 8.23 16.31 24.75
N ASP B 278 7.96 16.88 25.91
CA ASP B 278 8.90 17.24 26.98
C ASP B 278 9.86 16.13 27.36
N ARG B 279 9.40 14.90 27.27
CA ARG B 279 10.23 13.77 27.67
C ARG B 279 11.35 13.51 26.67
N PHE B 280 11.09 13.89 25.42
CA PHE B 280 12.03 13.66 24.31
C PHE B 280 12.12 14.94 23.50
N PRO B 281 12.65 16.01 24.12
CA PRO B 281 12.46 17.31 23.55
C PRO B 281 13.26 17.61 22.31
N LEU B 282 12.61 18.34 21.42
CA LEU B 282 13.25 18.92 20.29
C LEU B 282 14.42 19.82 20.79
N LEU B 283 15.56 19.72 20.16
CA LEU B 283 16.70 20.60 20.52
C LEU B 283 16.56 22.04 19.98
N ARG B 284 15.72 22.27 18.99
CA ARG B 284 15.45 23.59 18.44
C ARG B 284 13.94 23.69 18.07
N ARG B 285 13.43 24.90 17.94
CA ARG B 285 11.97 25.11 17.65
C ARG B 285 11.28 24.49 16.40
N ASP C 29 -5.46 1.56 25.79
CA ASP C 29 -4.57 2.75 25.61
C ASP C 29 -5.30 3.82 24.76
N PRO C 30 -5.98 4.80 25.42
CA PRO C 30 -6.73 5.84 24.65
C PRO C 30 -5.88 6.67 23.60
N ALA C 31 -4.60 6.93 23.89
CA ALA C 31 -3.61 7.64 22.98
C ALA C 31 -3.36 6.96 21.63
N ALA C 32 -3.02 5.68 21.69
CA ALA C 32 -2.85 4.82 20.52
C ALA C 32 -4.20 4.59 19.73
N LEU C 33 -5.32 4.51 20.45
CA LEU C 33 -6.67 4.43 19.82
C LEU C 33 -6.99 5.77 19.07
N GLU C 34 -6.60 6.89 19.67
CA GLU C 34 -6.79 8.21 19.03
C GLU C 34 -5.97 8.34 17.75
N ARG C 35 -4.73 7.84 17.81
CA ARG C 35 -3.82 7.84 16.65
C ARG C 35 -4.42 6.97 15.55
N LEU C 36 -4.96 5.84 15.97
CA LEU C 36 -5.58 4.90 15.08
C LEU C 36 -6.83 5.48 14.32
N ALA C 37 -7.71 6.11 15.07
CA ALA C 37 -8.84 6.85 14.52
C ALA C 37 -8.43 8.03 13.58
N ALA C 38 -7.37 8.73 13.94
CA ALA C 38 -6.86 9.81 13.14
C ALA C 38 -6.28 9.30 11.80
N ARG C 39 -5.58 8.18 11.85
CA ARG C 39 -5.15 7.47 10.63
C ARG C 39 -6.39 7.08 9.78
N TYR C 40 -7.40 6.51 10.40
CA TYR C 40 -8.59 6.11 9.64
C TYR C 40 -9.25 7.32 8.94
N ARG C 41 -9.30 8.44 9.60
CA ARG C 41 -9.97 9.64 9.08
C ARG C 41 -9.18 10.24 7.94
N ARG C 42 -7.86 10.27 8.08
CA ARG C 42 -6.95 10.72 7.04
C ARG C 42 -6.87 9.77 5.83
N ASP C 43 -6.70 8.49 6.06
CA ASP C 43 -6.43 7.55 5.00
C ASP C 43 -7.62 6.82 4.46
N GLY C 44 -8.63 6.59 5.28
CA GLY C 44 -9.80 5.85 4.83
C GLY C 44 -9.71 4.37 5.03
N TYR C 45 -8.64 3.94 5.66
CA TYR C 45 -8.50 2.57 6.12
C TYR C 45 -7.54 2.57 7.28
N VAL C 46 -7.51 1.45 7.98
CA VAL C 46 -6.52 1.21 9.01
C VAL C 46 -6.33 -0.28 9.25
N HIS C 47 -5.11 -0.64 9.62
CA HIS C 47 -4.67 -1.98 9.88
C HIS C 47 -4.62 -2.11 11.40
N VAL C 48 -5.28 -3.15 11.91
CA VAL C 48 -5.21 -3.47 13.35
C VAL C 48 -4.67 -4.84 13.54
N PRO C 49 -3.48 -4.94 14.08
CA PRO C 49 -2.97 -6.31 14.26
C PRO C 49 -3.59 -7.07 15.45
N GLY C 50 -3.62 -8.36 15.35
CA GLY C 50 -3.98 -9.24 16.49
C GLY C 50 -5.35 -8.93 17.06
N VAL C 51 -6.33 -8.73 16.21
CA VAL C 51 -7.64 -8.41 16.73
C VAL C 51 -8.34 -9.69 17.28
N LEU C 52 -8.04 -10.82 16.65
CA LEU C 52 -8.37 -12.15 17.12
C LEU C 52 -7.18 -12.83 17.74
N ASP C 53 -7.35 -13.53 18.87
CA ASP C 53 -6.24 -14.29 19.41
C ASP C 53 -6.06 -15.58 18.55
N ALA C 54 -5.07 -16.40 18.89
CA ALA C 54 -4.84 -17.65 18.13
C ALA C 54 -6.07 -18.72 18.20
N GLY C 55 -6.67 -18.85 19.36
CA GLY C 55 -7.81 -19.85 19.56
C GLY C 55 -9.06 -19.43 18.75
N GLU C 56 -9.27 -18.11 18.72
CA GLU C 56 -10.38 -17.51 17.96
C GLU C 56 -10.17 -17.73 16.50
N VAL C 57 -8.95 -17.46 16.05
CA VAL C 57 -8.63 -17.71 14.65
C VAL C 57 -8.91 -19.20 14.33
N ALA C 58 -8.38 -20.13 15.11
CA ALA C 58 -8.54 -21.58 14.81
C ALA C 58 -10.03 -22.08 14.82
N GLU C 59 -10.81 -21.54 15.74
CA GLU C 59 -12.25 -21.62 15.68
C GLU C 59 -12.99 -21.06 14.39
N TYR C 60 -12.78 -19.74 14.10
CA TYR C 60 -13.36 -19.11 12.93
C TYR C 60 -12.83 -19.70 11.65
N LEU C 61 -11.55 -20.06 11.62
CA LEU C 61 -10.98 -20.65 10.38
C LEU C 61 -11.69 -22.01 10.08
N ALA C 62 -11.89 -22.85 11.11
CA ALA C 62 -12.52 -24.21 10.90
C ALA C 62 -13.97 -24.13 10.51
N GLU C 63 -14.70 -23.22 11.11
CA GLU C 63 -16.02 -22.85 10.61
C GLU C 63 -16.03 -22.21 9.13
N ALA C 64 -15.08 -21.32 8.81
CA ALA C 64 -14.99 -20.78 7.38
C ALA C 64 -14.76 -21.87 6.36
N ARG C 65 -13.85 -22.75 6.68
CA ARG C 65 -13.66 -23.96 5.80
C ARG C 65 -14.92 -24.86 5.67
N ARG C 66 -15.60 -25.06 6.80
CA ARG C 66 -16.80 -25.99 6.88
C ARG C 66 -17.93 -25.40 6.01
N LEU C 67 -18.12 -24.10 6.13
CA LEU C 67 -19.11 -23.41 5.31
C LEU C 67 -18.79 -23.45 3.83
N LEU C 68 -17.54 -23.20 3.49
CA LEU C 68 -17.11 -23.28 2.06
C LEU C 68 -17.27 -24.65 1.49
N ALA C 69 -16.95 -25.65 2.28
CA ALA C 69 -17.02 -27.02 1.77
C ALA C 69 -18.44 -27.61 1.73
N HIS C 70 -19.26 -27.26 2.70
CA HIS C 70 -20.55 -28.01 2.99
C HIS C 70 -21.81 -27.22 2.74
N GLU C 71 -21.70 -25.91 2.72
CA GLU C 71 -22.84 -25.01 2.44
C GLU C 71 -22.70 -24.30 1.05
N GLU C 72 -23.77 -23.59 0.72
CA GLU C 72 -23.97 -22.88 -0.52
C GLU C 72 -22.95 -21.72 -0.57
N SER C 73 -22.01 -21.79 -1.50
CA SER C 73 -21.10 -20.72 -1.80
C SER C 73 -21.33 -20.28 -3.22
N VAL C 74 -20.82 -19.12 -3.52
CA VAL C 74 -20.99 -18.48 -4.79
C VAL C 74 -19.60 -18.23 -5.39
N ARG C 75 -19.45 -18.66 -6.62
CA ARG C 75 -18.28 -18.33 -7.43
C ARG C 75 -18.48 -17.00 -8.25
N TRP C 76 -17.63 -16.05 -7.95
CA TRP C 76 -17.39 -14.81 -8.78
C TRP C 76 -16.18 -15.09 -9.66
N GLY C 77 -16.45 -15.41 -10.90
CA GLY C 77 -15.41 -15.69 -11.88
C GLY C 77 -15.87 -15.72 -13.33
N SER C 78 -14.99 -16.20 -14.20
CA SER C 78 -15.22 -16.20 -15.68
C SER C 78 -14.42 -17.35 -16.26
N GLY C 79 -14.36 -17.44 -17.58
CA GLY C 79 -13.35 -18.30 -18.25
C GLY C 79 -11.87 -18.05 -17.78
N ALA C 80 -11.50 -16.77 -17.61
CA ALA C 80 -10.13 -16.33 -17.15
C ALA C 80 -9.69 -16.92 -15.76
N GLY C 81 -10.68 -17.20 -14.94
CA GLY C 81 -10.53 -17.77 -13.63
C GLY C 81 -11.41 -17.11 -12.61
N THR C 82 -11.04 -17.27 -11.36
CA THR C 82 -11.92 -17.01 -10.25
C THR C 82 -11.48 -15.80 -9.43
N VAL C 83 -12.33 -14.79 -9.30
CA VAL C 83 -12.03 -13.63 -8.47
C VAL C 83 -12.06 -14.09 -7.03
N MET C 84 -13.16 -14.75 -6.71
CA MET C 84 -13.30 -15.38 -5.40
C MET C 84 -14.46 -16.35 -5.33
N ASP C 85 -14.42 -17.19 -4.29
CA ASP C 85 -15.60 -17.92 -3.86
C ASP C 85 -15.98 -17.30 -2.54
N TYR C 86 -17.27 -17.18 -2.31
CA TYR C 86 -17.75 -16.62 -1.05
C TYR C 86 -19.05 -17.26 -0.54
N VAL C 87 -19.17 -17.22 0.77
CA VAL C 87 -20.39 -17.56 1.44
C VAL C 87 -21.07 -16.29 1.79
N ALA C 88 -22.23 -16.11 1.23
CA ALA C 88 -22.98 -14.88 1.37
C ALA C 88 -23.73 -14.89 2.68
N ASP C 89 -23.82 -13.72 3.31
CA ASP C 89 -24.70 -13.57 4.51
C ASP C 89 -24.47 -14.76 5.47
N ALA C 90 -23.20 -15.05 5.67
CA ALA C 90 -22.77 -16.25 6.40
C ALA C 90 -23.26 -16.26 7.86
N GLN C 91 -23.44 -15.05 8.42
CA GLN C 91 -23.97 -14.90 9.76
C GLN C 91 -25.40 -15.42 9.97
N LEU C 92 -26.22 -15.43 8.91
CA LEU C 92 -27.60 -15.89 9.00
C LEU C 92 -27.69 -17.40 9.28
N GLY C 93 -26.84 -18.21 8.69
CA GLY C 93 -26.86 -19.66 8.86
C GLY C 93 -25.87 -20.19 9.89
N SER C 94 -24.94 -19.39 10.33
CA SER C 94 -23.87 -19.84 11.25
C SER C 94 -23.78 -18.96 12.46
N ASP C 95 -24.10 -19.50 13.59
CA ASP C 95 -23.94 -18.74 14.84
C ASP C 95 -22.42 -18.23 14.99
N THR C 96 -21.50 -19.12 14.64
CA THR C 96 -20.14 -18.98 14.89
C THR C 96 -19.72 -17.71 14.08
N MET C 97 -20.17 -17.63 12.83
CA MET C 97 -19.96 -16.48 12.04
C MET C 97 -20.66 -15.24 12.59
N ARG C 98 -21.82 -15.42 13.19
CA ARG C 98 -22.52 -14.30 13.84
C ARG C 98 -21.74 -13.78 15.03
N ARG C 99 -21.05 -14.66 15.73
CA ARG C 99 -20.21 -14.21 16.84
C ARG C 99 -19.03 -13.40 16.29
N LEU C 100 -18.45 -13.85 15.21
CA LEU C 100 -17.38 -13.09 14.62
C LEU C 100 -17.83 -11.68 14.06
N ALA C 101 -19.00 -11.68 13.43
CA ALA C 101 -19.62 -10.45 12.93
C ALA C 101 -19.85 -9.41 14.04
N THR C 102 -20.18 -9.91 15.22
CA THR C 102 -20.49 -9.04 16.40
C THR C 102 -19.40 -9.08 17.45
N HIS C 103 -18.26 -9.66 17.10
CA HIS C 103 -17.13 -9.76 18.02
C HIS C 103 -16.91 -8.44 18.82
N PRO C 104 -16.82 -8.51 20.14
CA PRO C 104 -16.83 -7.26 20.92
C PRO C 104 -15.68 -6.32 20.64
N ARG C 105 -14.53 -6.87 20.35
CA ARG C 105 -13.38 -6.05 20.08
C ARG C 105 -13.43 -5.37 18.68
N ILE C 106 -13.79 -6.14 17.70
CA ILE C 106 -13.98 -5.64 16.34
C ILE C 106 -15.07 -4.55 16.33
N ALA C 107 -16.14 -4.87 17.01
CA ALA C 107 -17.28 -3.96 17.10
C ALA C 107 -16.93 -2.63 17.77
N ALA C 108 -16.26 -2.72 18.90
CA ALA C 108 -15.83 -1.49 19.61
C ALA C 108 -14.88 -0.63 18.74
N LEU C 109 -13.98 -1.28 18.02
CA LEU C 109 -13.07 -0.56 17.12
C LEU C 109 -13.86 0.13 16.05
N ALA C 110 -14.80 -0.60 15.45
CA ALA C 110 -15.60 -0.07 14.36
C ALA C 110 -16.36 1.17 14.79
N GLU C 111 -17.01 1.07 15.93
CA GLU C 111 -17.75 2.21 16.41
C GLU C 111 -16.84 3.40 16.72
N TYR C 112 -15.69 3.15 17.30
CA TYR C 112 -14.75 4.26 17.61
C TYR C 112 -14.29 4.92 16.29
N LEU C 113 -13.94 4.11 15.31
CA LEU C 113 -13.47 4.63 14.03
C LEU C 113 -14.58 5.39 13.27
N ALA C 114 -15.77 4.82 13.25
CA ALA C 114 -16.88 5.44 12.57
C ALA C 114 -17.34 6.70 13.28
N GLY C 115 -17.17 6.76 14.60
CA GLY C 115 -17.62 7.91 15.41
C GLY C 115 -19.11 7.90 15.70
N SER C 116 -19.79 6.79 15.49
CA SER C 116 -21.23 6.66 15.80
C SER C 116 -21.62 5.22 16.14
N PRO C 117 -22.82 5.03 16.73
CA PRO C 117 -23.32 3.67 16.90
C PRO C 117 -23.57 3.05 15.55
N LEU C 118 -23.33 1.77 15.51
CA LEU C 118 -23.43 0.99 14.32
C LEU C 118 -24.29 -0.25 14.47
N ARG C 119 -24.65 -0.77 13.31
CA ARG C 119 -25.31 -2.08 13.14
C ARG C 119 -24.53 -2.93 12.19
N LEU C 120 -24.71 -4.22 12.32
CA LEU C 120 -24.21 -5.16 11.33
C LEU C 120 -25.13 -5.17 10.16
N PHE C 121 -24.55 -5.14 8.96
CA PHE C 121 -25.32 -5.32 7.70
C PHE C 121 -25.18 -6.74 7.17
N LYS C 122 -23.96 -7.17 7.11
CA LYS C 122 -23.66 -8.52 6.67
C LYS C 122 -22.21 -8.96 6.94
N LEU C 123 -22.03 -10.27 6.97
CA LEU C 123 -20.70 -10.86 6.94
C LEU C 123 -20.62 -11.86 5.80
N GLU C 124 -19.53 -11.82 5.10
CA GLU C 124 -19.20 -12.84 4.11
C GLU C 124 -17.89 -13.61 4.41
N VAL C 125 -17.78 -14.84 3.96
CA VAL C 125 -16.59 -15.60 4.09
C VAL C 125 -15.96 -15.63 2.71
N LEU C 126 -14.68 -15.31 2.61
CA LEU C 126 -14.05 -15.18 1.34
C LEU C 126 -12.95 -16.18 1.15
N LEU C 127 -12.86 -16.72 -0.06
CA LEU C 127 -11.82 -17.64 -0.44
C LEU C 127 -11.21 -17.27 -1.79
N LYS C 128 -9.89 -17.11 -1.80
CA LYS C 128 -9.14 -17.10 -3.08
C LYS C 128 -8.19 -18.24 -3.08
N GLU C 129 -8.23 -19.04 -4.11
CA GLU C 129 -7.31 -20.12 -4.26
C GLU C 129 -7.17 -20.54 -5.68
N ASN C 130 -6.06 -21.20 -5.96
CA ASN C 130 -5.84 -21.87 -7.26
C ASN C 130 -6.34 -23.32 -7.29
N LYS C 131 -7.11 -23.66 -8.31
CA LYS C 131 -7.52 -25.01 -8.58
C LYS C 131 -6.96 -25.35 -9.95
N GLU C 132 -7.12 -26.61 -10.33
CA GLU C 132 -6.75 -27.06 -11.69
C GLU C 132 -7.67 -26.43 -12.75
N LYS C 133 -7.02 -25.81 -13.73
CA LYS C 133 -7.69 -25.06 -14.81
C LYS C 133 -8.52 -23.87 -14.35
N ASP C 134 -8.38 -23.48 -13.11
CA ASP C 134 -9.11 -22.36 -12.57
C ASP C 134 -8.19 -21.55 -11.63
N ALA C 135 -7.46 -20.63 -12.23
CA ALA C 135 -6.50 -19.81 -11.48
C ALA C 135 -7.25 -18.69 -10.76
N SER C 136 -6.77 -18.39 -9.57
CA SER C 136 -7.08 -17.18 -8.84
C SER C 136 -6.66 -15.90 -9.63
N VAL C 137 -7.56 -14.90 -9.65
CA VAL C 137 -7.35 -13.63 -10.37
C VAL C 137 -7.60 -12.50 -9.38
N PRO C 138 -7.18 -11.27 -9.72
CA PRO C 138 -7.28 -10.21 -8.74
C PRO C 138 -8.72 -9.81 -8.51
N THR C 139 -8.95 -9.14 -7.41
CA THR C 139 -10.11 -8.32 -7.21
C THR C 139 -9.87 -6.88 -7.71
N ALA C 140 -10.60 -6.47 -8.72
CA ALA C 140 -10.41 -5.20 -9.35
C ALA C 140 -10.72 -4.01 -8.41
N PRO C 141 -10.03 -2.86 -8.60
CA PRO C 141 -10.27 -1.68 -7.77
C PRO C 141 -11.71 -1.20 -7.76
N HIS C 142 -12.21 -0.84 -6.60
CA HIS C 142 -13.57 -0.34 -6.51
C HIS C 142 -13.72 0.36 -5.19
N HIS C 143 -14.81 1.06 -5.04
CA HIS C 143 -15.27 1.34 -3.68
C HIS C 143 -16.59 0.66 -3.35
N ASP C 144 -16.91 0.52 -2.10
CA ASP C 144 -17.98 -0.43 -1.77
C ASP C 144 -19.33 0.24 -1.76
N ALA C 145 -19.35 1.57 -1.57
CA ALA C 145 -20.58 2.31 -1.22
C ALA C 145 -21.75 2.14 -2.25
N PHE C 146 -21.40 2.07 -3.51
CA PHE C 146 -22.33 2.00 -4.59
C PHE C 146 -23.15 0.71 -4.51
N ALA C 147 -22.63 -0.32 -3.89
CA ALA C 147 -23.34 -1.61 -3.86
C ALA C 147 -24.21 -1.80 -2.58
N PHE C 148 -24.21 -0.79 -1.72
CA PHE C 148 -24.93 -0.83 -0.46
C PHE C 148 -26.32 -0.20 -0.53
N PRO C 149 -27.40 -1.02 -0.31
CA PRO C 149 -28.73 -0.54 -0.47
C PRO C 149 -29.26 0.08 0.81
N PHE C 150 -28.56 1.08 1.29
CA PHE C 150 -29.04 1.81 2.44
C PHE C 150 -28.60 3.25 2.40
N SER C 151 -29.28 4.01 3.23
CA SER C 151 -29.21 5.48 3.27
C SER C 151 -27.88 6.03 3.68
N THR C 152 -27.15 5.31 4.53
CA THR C 152 -25.85 5.79 5.02
C THR C 152 -24.66 5.07 4.38
N ALA C 153 -24.88 4.53 3.17
CA ALA C 153 -23.88 3.76 2.43
C ALA C 153 -22.51 4.48 2.43
N GLY C 154 -22.59 5.79 2.19
CA GLY C 154 -21.42 6.66 2.05
C GLY C 154 -20.52 6.73 3.29
N THR C 155 -21.01 6.31 4.42
CA THR C 155 -20.23 6.32 5.64
C THR C 155 -20.05 4.94 6.27
N ALA C 156 -20.49 3.92 5.57
CA ALA C 156 -20.30 2.59 6.05
C ALA C 156 -18.82 2.19 6.11
N LEU C 157 -18.55 1.10 6.83
CA LEU C 157 -17.21 0.56 6.89
C LEU C 157 -17.16 -0.96 6.99
N THR C 158 -16.06 -1.50 6.49
CA THR C 158 -15.90 -2.96 6.33
C THR C 158 -14.70 -3.45 7.13
N ALA C 159 -14.92 -4.47 7.95
CA ALA C 159 -13.80 -5.18 8.66
C ALA C 159 -13.43 -6.43 7.91
N TRP C 160 -12.21 -6.49 7.46
CA TRP C 160 -11.70 -7.64 6.68
C TRP C 160 -10.69 -8.37 7.58
N VAL C 161 -11.07 -9.57 8.05
CA VAL C 161 -10.34 -10.31 9.04
C VAL C 161 -9.58 -11.45 8.40
N ALA C 162 -8.27 -11.46 8.58
CA ALA C 162 -7.45 -12.54 8.02
C ALA C 162 -7.53 -13.77 8.94
N LEU C 163 -7.91 -14.89 8.37
CA LEU C 163 -7.99 -16.16 9.15
C LEU C 163 -6.77 -17.01 8.96
N VAL C 164 -5.94 -16.63 8.00
CA VAL C 164 -4.61 -17.23 7.78
C VAL C 164 -3.63 -16.08 7.47
N ASP C 165 -2.35 -16.39 7.34
CA ASP C 165 -1.33 -15.38 6.92
C ASP C 165 -1.68 -14.97 5.49
N VAL C 166 -1.74 -13.67 5.25
CA VAL C 166 -1.99 -13.15 3.92
C VAL C 166 -0.83 -12.25 3.49
N PRO C 167 0.29 -12.81 3.11
CA PRO C 167 1.31 -11.95 2.53
C PRO C 167 0.82 -11.46 1.15
N VAL C 168 1.57 -10.53 0.58
CA VAL C 168 1.25 -9.94 -0.71
C VAL C 168 0.89 -10.93 -1.81
N GLU C 169 1.72 -11.91 -1.98
CA GLU C 169 1.47 -12.90 -3.03
C GLU C 169 0.24 -13.83 -2.77
N ARG C 170 -0.32 -13.81 -1.56
CA ARG C 170 -1.52 -14.62 -1.30
C ARG C 170 -2.80 -13.81 -1.54
N GLY C 171 -2.65 -12.56 -2.04
CA GLY C 171 -3.76 -11.73 -2.43
C GLY C 171 -4.25 -10.77 -1.35
N CYS C 172 -3.34 -10.17 -0.62
CA CYS C 172 -3.73 -9.11 0.33
C CYS C 172 -4.28 -7.92 -0.44
N MET C 173 -4.89 -7.04 0.33
CA MET C 173 -5.49 -5.87 -0.23
C MET C 173 -4.49 -4.67 -0.46
N THR C 174 -4.94 -3.77 -1.33
CA THR C 174 -4.32 -2.43 -1.59
C THR C 174 -5.43 -1.37 -1.44
N PHE C 175 -5.09 -0.25 -0.79
CA PHE C 175 -5.99 0.85 -0.56
C PHE C 175 -5.40 2.13 -1.15
N VAL C 176 -6.25 3.04 -1.57
CA VAL C 176 -5.82 4.37 -2.01
C VAL C 176 -6.13 5.38 -0.88
N PRO C 177 -5.11 5.75 -0.08
CA PRO C 177 -5.38 6.62 1.04
C PRO C 177 -5.92 7.99 0.62
N GLY C 178 -6.88 8.49 1.37
CA GLY C 178 -7.55 9.75 1.08
C GLY C 178 -8.61 9.69 0.00
N SER C 179 -8.74 8.55 -0.66
CA SER C 179 -9.70 8.42 -1.81
C SER C 179 -11.17 8.53 -1.31
N HIS C 180 -11.38 8.26 -0.03
CA HIS C 180 -12.68 8.36 0.62
C HIS C 180 -13.18 9.76 0.84
N LEU C 181 -12.30 10.73 0.72
CA LEU C 181 -12.67 12.17 0.75
C LEU C 181 -12.92 12.80 -0.59
N LEU C 182 -12.72 12.10 -1.65
CA LEU C 182 -12.91 12.64 -3.02
C LEU C 182 -14.43 12.87 -3.28
N PRO C 183 -14.82 14.02 -3.94
CA PRO C 183 -16.23 14.23 -4.36
C PRO C 183 -16.48 13.38 -5.64
N ASP C 184 -17.72 12.98 -5.94
CA ASP C 184 -18.05 12.17 -7.19
C ASP C 184 -17.48 12.68 -8.57
N GLY C 200 -7.82 13.37 -10.16
CA GLY C 200 -6.47 13.14 -9.67
C GLY C 200 -6.30 11.73 -9.06
N GLU C 201 -7.35 10.91 -8.99
CA GLU C 201 -7.26 9.58 -8.35
C GLU C 201 -6.16 8.60 -8.83
N ILE C 202 -5.91 8.53 -10.11
CA ILE C 202 -4.88 7.65 -10.63
C ILE C 202 -3.45 8.07 -10.16
N TRP C 203 -3.28 9.41 -9.86
CA TRP C 203 -1.98 10.00 -9.39
C TRP C 203 -1.80 9.75 -7.80
N MET C 204 -2.76 9.14 -7.11
CA MET C 204 -2.71 8.99 -5.65
C MET C 204 -2.10 7.69 -5.19
N PRO C 205 -1.37 7.74 -4.10
CA PRO C 205 -0.39 6.61 -3.81
C PRO C 205 -1.24 5.44 -3.34
N ARG C 206 -0.76 4.27 -3.55
CA ARG C 206 -1.45 3.13 -3.22
C ARG C 206 -0.67 2.42 -2.18
N VAL C 207 -1.37 1.86 -1.21
CA VAL C 207 -0.70 1.11 -0.08
C VAL C 207 -1.21 -0.31 -0.07
N THR C 208 -0.27 -1.24 -0.24
CA THR C 208 -0.49 -2.64 -0.12
C THR C 208 -0.18 -3.13 1.29
N VAL C 209 -1.11 -3.87 1.88
CA VAL C 209 -1.12 -4.15 3.33
C VAL C 209 -1.21 -5.64 3.64
N PRO C 210 -0.09 -6.33 3.67
CA PRO C 210 -0.13 -7.69 4.02
C PRO C 210 -0.51 -7.82 5.47
N LEU C 211 -1.09 -8.96 5.78
CA LEU C 211 -1.77 -9.15 7.09
C LEU C 211 -1.36 -10.51 7.63
N ARG C 212 -1.01 -10.54 8.87
CA ARG C 212 -0.89 -11.88 9.58
C ARG C 212 -2.23 -12.40 9.97
N ALA C 213 -2.31 -13.73 10.20
CA ALA C 213 -3.52 -14.32 10.72
C ALA C 213 -3.89 -13.50 11.92
N GLY C 214 -5.17 -13.21 12.03
CA GLY C 214 -5.76 -12.62 13.27
C GLY C 214 -5.72 -11.12 13.24
N ASP C 215 -5.02 -10.57 12.24
CA ASP C 215 -5.06 -9.15 11.93
C ASP C 215 -6.37 -8.82 11.13
N CYS C 216 -6.77 -7.56 11.21
CA CYS C 216 -7.78 -7.05 10.31
C CYS C 216 -7.39 -5.68 9.74
N THR C 217 -8.12 -5.33 8.71
CA THR C 217 -8.24 -3.91 8.22
C THR C 217 -9.68 -3.45 8.36
N PHE C 218 -9.83 -2.16 8.62
CA PHE C 218 -11.08 -1.48 8.50
C PHE C 218 -10.93 -0.57 7.30
N HIS C 219 -11.92 -0.57 6.41
CA HIS C 219 -11.97 0.44 5.36
C HIS C 219 -13.33 1.05 5.08
N HIS C 220 -13.28 2.36 4.89
CA HIS C 220 -14.43 3.19 4.61
C HIS C 220 -15.05 2.77 3.28
N ALA C 221 -16.39 2.91 3.22
CA ALA C 221 -17.17 2.57 2.03
C ALA C 221 -16.84 3.38 0.76
N ARG C 222 -16.18 4.52 0.96
CA ARG C 222 -15.68 5.33 -0.20
C ARG C 222 -14.19 5.13 -0.57
N THR C 223 -13.48 4.30 0.18
CA THR C 223 -12.04 4.09 -0.07
C THR C 223 -11.86 3.16 -1.20
N VAL C 224 -11.07 3.56 -2.19
CA VAL C 224 -10.75 2.67 -3.31
C VAL C 224 -9.81 1.58 -2.84
N HIS C 225 -10.14 0.33 -3.18
CA HIS C 225 -9.34 -0.83 -2.77
C HIS C 225 -9.45 -1.92 -3.77
N SER C 226 -8.47 -2.79 -3.66
CA SER C 226 -8.35 -3.90 -4.58
C SER C 226 -7.58 -5.01 -3.91
N ALA C 227 -7.43 -6.16 -4.59
CA ALA C 227 -6.69 -7.25 -4.05
C ALA C 227 -6.02 -8.06 -5.10
N GLY C 228 -4.84 -8.58 -4.74
CA GLY C 228 -4.08 -9.38 -5.71
C GLY C 228 -4.75 -10.74 -5.94
N ALA C 229 -4.24 -11.42 -6.93
CA ALA C 229 -4.47 -12.82 -7.11
C ALA C 229 -3.75 -13.56 -6.00
N ASN C 230 -4.27 -14.73 -5.66
CA ASN C 230 -3.51 -15.67 -4.84
C ASN C 230 -2.60 -16.47 -5.77
N SER C 231 -1.30 -16.20 -5.73
CA SER C 231 -0.40 -16.99 -6.53
C SER C 231 0.31 -18.04 -5.72
N THR C 232 -0.14 -18.33 -4.51
CA THR C 232 0.47 -19.43 -3.71
C THR C 232 -0.39 -20.68 -3.74
N ASP C 233 0.17 -21.75 -3.20
CA ASP C 233 -0.52 -23.03 -2.96
C ASP C 233 -1.43 -23.11 -1.77
N GLU C 234 -1.49 -22.09 -0.96
CA GLU C 234 -2.27 -22.10 0.26
C GLU C 234 -3.46 -21.11 0.06
N PRO C 235 -4.65 -21.52 0.44
CA PRO C 235 -5.77 -20.70 0.17
C PRO C 235 -5.76 -19.42 1.00
N ARG C 236 -6.34 -18.38 0.45
CA ARG C 236 -6.53 -17.16 1.18
C ARG C 236 -7.94 -17.24 1.80
N LEU C 237 -8.01 -17.15 3.11
CA LEU C 237 -9.29 -17.27 3.83
C LEU C 237 -9.41 -16.11 4.80
N SER C 238 -10.59 -15.50 4.76
CA SER C 238 -10.88 -14.32 5.53
C SER C 238 -12.34 -14.16 5.62
N THR C 239 -12.74 -13.25 6.49
CA THR C 239 -14.10 -12.80 6.49
C THR C 239 -14.13 -11.30 6.23
N SER C 240 -15.24 -10.86 5.64
CA SER C 240 -15.52 -9.45 5.43
C SER C 240 -16.89 -9.05 5.94
N ALA C 241 -16.92 -8.11 6.88
CA ALA C 241 -18.17 -7.66 7.48
C ALA C 241 -18.43 -6.19 7.26
N VAL C 242 -19.67 -5.88 6.85
CA VAL C 242 -20.06 -4.49 6.63
C VAL C 242 -20.87 -4.03 7.82
N TYR C 243 -20.43 -2.91 8.37
CA TYR C 243 -21.12 -2.18 9.39
C TYR C 243 -21.67 -0.83 8.89
N MET C 244 -22.82 -0.45 9.42
CA MET C 244 -23.58 0.70 8.99
C MET C 244 -24.08 1.49 10.15
N ASP C 245 -24.30 2.77 9.91
CA ASP C 245 -24.85 3.66 10.90
C ASP C 245 -26.12 3.01 11.49
N ALA C 246 -26.28 3.09 12.79
CA ALA C 246 -27.46 2.55 13.44
C ALA C 246 -28.80 3.18 12.95
N THR C 247 -28.76 4.36 12.33
CA THR C 247 -30.01 4.99 11.79
C THR C 247 -30.25 4.58 10.33
N ALA C 248 -29.42 3.68 9.79
CA ALA C 248 -29.52 3.27 8.39
C ALA C 248 -30.92 2.83 8.03
N ALA C 249 -31.38 3.35 6.93
CA ALA C 249 -32.64 2.98 6.30
C ALA C 249 -32.45 2.41 4.88
N TYR C 250 -33.43 1.58 4.48
CA TYR C 250 -33.39 0.90 3.18
C TYR C 250 -33.43 1.88 2.06
N ARG C 251 -32.52 1.69 1.13
CA ARG C 251 -32.44 2.53 -0.05
C ARG C 251 -31.96 1.71 -1.25
N PRO C 252 -32.86 1.36 -2.15
CA PRO C 252 -32.42 0.57 -3.30
C PRO C 252 -31.30 1.22 -4.14
N THR C 253 -30.36 0.42 -4.58
CA THR C 253 -29.37 0.79 -5.57
C THR C 253 -29.95 0.81 -6.95
N GLY C 254 -31.02 0.07 -7.16
CA GLY C 254 -31.59 -0.16 -8.53
C GLY C 254 -30.95 -1.35 -9.25
N ILE C 255 -29.97 -1.98 -8.60
CA ILE C 255 -29.47 -3.28 -9.02
C ILE C 255 -30.21 -4.39 -8.25
N ALA C 256 -31.02 -5.17 -8.95
CA ALA C 256 -31.92 -6.19 -8.36
C ALA C 256 -31.21 -7.11 -7.39
N PHE C 257 -30.09 -7.64 -7.86
CA PHE C 257 -29.27 -8.55 -7.05
C PHE C 257 -28.82 -7.99 -5.65
N LEU C 258 -28.47 -6.72 -5.63
CA LEU C 258 -28.06 -6.05 -4.41
C LEU C 258 -29.20 -5.59 -3.55
N ASP C 259 -30.32 -5.33 -4.17
CA ASP C 259 -31.46 -4.78 -3.44
C ASP C 259 -32.30 -5.83 -2.70
N ASP C 260 -32.15 -7.09 -3.12
CA ASP C 260 -32.83 -8.27 -2.55
C ASP C 260 -32.14 -8.79 -1.29
N LEU C 261 -32.56 -8.32 -0.15
CA LEU C 261 -31.88 -8.66 1.07
C LEU C 261 -32.48 -9.96 1.64
N PRO C 262 -31.66 -11.04 1.78
CA PRO C 262 -32.21 -12.20 2.44
C PRO C 262 -32.46 -12.01 3.94
N GLY C 263 -33.39 -12.81 4.44
CA GLY C 263 -33.68 -12.87 5.84
C GLY C 263 -34.40 -11.64 6.34
N THR C 264 -35.15 -10.98 5.46
CA THR C 264 -35.89 -9.74 5.80
C THR C 264 -37.36 -9.86 5.53
N GLY C 265 -37.90 -11.09 5.51
CA GLY C 265 -39.33 -11.34 5.19
C GLY C 265 -39.65 -11.63 3.72
N ALA C 266 -40.92 -11.97 3.46
CA ALA C 266 -41.37 -12.37 2.09
C ALA C 266 -41.39 -11.15 1.15
N ASP C 267 -41.95 -10.05 1.65
CA ASP C 267 -42.22 -8.80 0.86
C ASP C 267 -40.92 -8.02 0.59
N PRO C 268 -40.72 -7.44 -0.65
CA PRO C 268 -39.53 -6.57 -0.78
C PRO C 268 -39.62 -5.37 0.20
N LEU C 269 -38.49 -4.76 0.50
CA LEU C 269 -38.48 -3.71 1.52
C LEU C 269 -38.84 -2.41 0.85
N ARG C 270 -39.45 -1.55 1.64
CA ARG C 270 -39.82 -0.23 1.14
C ARG C 270 -38.64 0.74 1.36
N GLU C 271 -38.37 1.58 0.35
CA GLU C 271 -37.47 2.70 0.54
C GLU C 271 -37.80 3.52 1.80
N GLY C 272 -36.76 3.78 2.63
CA GLY C 272 -36.85 4.49 3.92
C GLY C 272 -37.01 3.49 5.06
N ALA C 273 -37.24 2.27 4.92
CA ALA C 273 -37.66 1.35 6.03
C ALA C 273 -36.50 1.20 6.91
N PRO C 274 -36.66 1.38 8.24
CA PRO C 274 -35.42 1.22 9.02
C PRO C 274 -34.92 -0.22 9.05
N LEU C 275 -33.62 -0.35 9.18
CA LEU C 275 -32.97 -1.65 9.20
C LEU C 275 -32.61 -1.86 10.65
N THR C 276 -33.42 -2.67 11.31
CA THR C 276 -33.35 -2.87 12.77
C THR C 276 -33.69 -4.33 13.11
N GLY C 277 -33.61 -4.60 14.41
CA GLY C 277 -33.84 -5.93 14.92
C GLY C 277 -32.59 -6.81 14.82
N ASP C 278 -32.81 -8.07 15.17
CA ASP C 278 -31.86 -9.23 15.06
C ASP C 278 -31.19 -9.42 13.71
N ARG C 279 -31.87 -9.05 12.64
CA ARG C 279 -31.35 -9.19 11.30
C ARG C 279 -30.22 -8.16 11.01
N PHE C 280 -30.30 -7.02 11.69
CA PHE C 280 -29.38 -5.89 11.51
C PHE C 280 -28.96 -5.36 12.89
N PRO C 281 -28.29 -6.21 13.68
CA PRO C 281 -28.20 -5.95 15.09
C PRO C 281 -27.25 -4.81 15.44
N LEU C 282 -27.67 -4.06 16.43
CA LEU C 282 -26.81 -3.11 17.08
C LEU C 282 -25.54 -3.81 17.56
N LEU C 283 -24.39 -3.20 17.31
CA LEU C 283 -23.12 -3.74 17.82
C LEU C 283 -22.88 -3.56 19.33
N ARG C 284 -23.55 -2.65 20.00
CA ARG C 284 -23.37 -2.58 21.48
C ARG C 284 -24.62 -2.90 22.33
N ASP D 29 -44.84 -7.71 -43.38
CA ASP D 29 -46.00 -6.74 -43.32
C ASP D 29 -45.53 -5.45 -42.60
N PRO D 30 -45.09 -4.43 -43.38
CA PRO D 30 -44.60 -3.20 -42.74
C PRO D 30 -45.62 -2.49 -41.76
N ALA D 31 -46.91 -2.53 -42.08
CA ALA D 31 -48.03 -1.96 -41.22
C ALA D 31 -48.08 -2.54 -39.79
N ALA D 32 -48.12 -3.86 -39.73
CA ALA D 32 -48.11 -4.59 -38.46
C ALA D 32 -46.78 -4.40 -37.66
N LEU D 33 -45.67 -4.30 -38.38
CA LEU D 33 -44.33 -4.01 -37.77
C LEU D 33 -44.32 -2.57 -37.19
N GLU D 34 -44.93 -1.64 -37.90
CA GLU D 34 -45.06 -0.26 -37.39
C GLU D 34 -45.90 -0.22 -36.12
N ARG D 35 -47.00 -0.99 -36.12
CA ARG D 35 -47.91 -1.07 -34.98
C ARG D 35 -47.18 -1.67 -33.77
N LEU D 36 -46.40 -2.69 -34.06
CA LEU D 36 -45.56 -3.33 -33.06
C LEU D 36 -44.49 -2.40 -32.40
N ALA D 37 -43.79 -1.64 -33.24
CA ALA D 37 -42.85 -0.62 -32.80
C ALA D 37 -43.53 0.50 -32.01
N ALA D 38 -44.70 0.89 -32.45
CA ALA D 38 -45.48 1.96 -31.74
C ALA D 38 -45.92 1.49 -30.33
N ARG D 39 -46.32 0.24 -30.25
CA ARG D 39 -46.57 -0.37 -28.93
C ARG D 39 -45.30 -0.37 -28.07
N TYR D 40 -44.21 -0.80 -28.65
CA TYR D 40 -42.93 -0.81 -27.90
C TYR D 40 -42.57 0.59 -27.35
N ARG D 41 -42.78 1.60 -28.17
CA ARG D 41 -42.44 2.96 -27.78
C ARG D 41 -43.32 3.46 -26.64
N ARG D 42 -44.62 3.26 -26.79
CA ARG D 42 -45.57 3.62 -25.79
C ARG D 42 -45.38 2.81 -24.47
N ASP D 43 -45.29 1.50 -24.59
CA ASP D 43 -45.37 0.64 -23.39
C ASP D 43 -44.01 0.24 -22.75
N GLY D 44 -42.97 0.21 -23.58
CA GLY D 44 -41.65 -0.15 -23.12
C GLY D 44 -41.38 -1.63 -23.18
N TYR D 45 -42.33 -2.37 -23.71
CA TYR D 45 -42.16 -3.80 -23.98
C TYR D 45 -43.09 -4.18 -25.07
N VAL D 46 -42.85 -5.34 -25.63
CA VAL D 46 -43.77 -5.94 -26.57
C VAL D 46 -43.60 -7.48 -26.62
N HIS D 47 -44.71 -8.18 -26.92
CA HIS D 47 -44.79 -9.60 -27.05
C HIS D 47 -44.82 -9.93 -28.52
N VAL D 48 -43.94 -10.83 -28.95
CA VAL D 48 -43.93 -11.32 -30.33
C VAL D 48 -44.04 -12.85 -30.36
N PRO D 49 -45.18 -13.37 -30.80
CA PRO D 49 -45.33 -14.80 -30.79
C PRO D 49 -44.58 -15.47 -31.91
N GLY D 50 -44.17 -16.69 -31.67
CA GLY D 50 -43.60 -17.58 -32.74
C GLY D 50 -42.38 -17.01 -33.44
N VAL D 51 -41.50 -16.42 -32.69
CA VAL D 51 -40.28 -15.88 -33.26
C VAL D 51 -39.30 -17.02 -33.64
N LEU D 52 -39.32 -18.12 -32.90
CA LEU D 52 -38.65 -19.37 -33.22
C LEU D 52 -39.66 -20.40 -33.68
N ASP D 53 -39.32 -21.18 -34.67
CA ASP D 53 -40.18 -22.31 -35.05
C ASP D 53 -39.95 -23.49 -34.07
N ALA D 54 -40.68 -24.59 -34.25
CA ALA D 54 -40.62 -25.76 -33.32
C ALA D 54 -39.24 -26.46 -33.29
N GLY D 55 -38.64 -26.62 -34.45
CA GLY D 55 -37.28 -27.24 -34.57
C GLY D 55 -36.18 -26.43 -33.89
N GLU D 56 -36.28 -25.13 -34.06
CA GLU D 56 -35.35 -24.19 -33.42
C GLU D 56 -35.50 -24.25 -31.91
N VAL D 57 -36.74 -24.24 -31.46
CA VAL D 57 -37.00 -24.35 -30.02
C VAL D 57 -36.34 -25.64 -29.48
N ALA D 58 -36.58 -26.76 -30.15
CA ALA D 58 -36.02 -28.05 -29.69
C ALA D 58 -34.49 -27.99 -29.63
N GLU D 59 -33.89 -27.39 -30.65
CA GLU D 59 -32.44 -27.21 -30.69
C GLU D 59 -31.89 -26.37 -29.51
N TYR D 60 -32.46 -25.18 -29.36
CA TYR D 60 -32.00 -24.25 -28.32
C TYR D 60 -32.32 -24.79 -26.93
N LEU D 61 -33.44 -25.47 -26.82
CA LEU D 61 -33.84 -26.05 -25.54
C LEU D 61 -32.80 -27.11 -25.08
N ALA D 62 -32.40 -28.00 -26.00
CA ALA D 62 -31.46 -29.05 -25.65
C ALA D 62 -30.16 -28.45 -25.23
N GLU D 63 -29.75 -27.43 -25.93
CA GLU D 63 -28.48 -26.78 -25.61
C GLU D 63 -28.57 -26.03 -24.27
N ALA D 64 -29.69 -25.34 -24.02
CA ALA D 64 -29.90 -24.72 -22.68
C ALA D 64 -29.73 -25.75 -21.58
N ARG D 65 -30.34 -26.92 -21.77
CA ARG D 65 -30.29 -27.97 -20.72
C ARG D 65 -28.87 -28.47 -20.50
N ARG D 66 -28.18 -28.65 -21.61
CA ARG D 66 -26.83 -29.20 -21.61
C ARG D 66 -25.91 -28.24 -20.86
N LEU D 67 -26.04 -26.96 -21.15
CA LEU D 67 -25.23 -25.97 -20.47
C LEU D 67 -25.51 -25.93 -18.96
N LEU D 68 -26.80 -25.92 -18.60
CA LEU D 68 -27.19 -25.91 -17.18
C LEU D 68 -26.66 -27.13 -16.42
N ALA D 69 -26.66 -28.26 -17.09
CA ALA D 69 -26.26 -29.50 -16.43
C ALA D 69 -24.76 -29.70 -16.41
N HIS D 70 -24.08 -29.31 -17.46
CA HIS D 70 -22.67 -29.73 -17.72
C HIS D 70 -21.66 -28.59 -17.56
N GLU D 71 -22.11 -27.36 -17.65
CA GLU D 71 -21.24 -26.18 -17.50
C GLU D 71 -21.53 -25.41 -16.22
N GLU D 72 -20.70 -24.40 -16.00
CA GLU D 72 -20.86 -23.55 -14.83
C GLU D 72 -22.02 -22.62 -14.92
N SER D 73 -22.90 -22.77 -13.92
CA SER D 73 -24.06 -21.94 -13.74
C SER D 73 -23.97 -21.29 -12.40
N VAL D 74 -24.80 -20.30 -12.24
CA VAL D 74 -24.79 -19.50 -11.05
C VAL D 74 -26.20 -19.51 -10.42
N ARG D 75 -26.24 -19.74 -9.13
CA ARG D 75 -27.43 -19.62 -8.33
C ARG D 75 -27.58 -18.26 -7.66
N TRP D 76 -28.65 -17.61 -8.06
CA TRP D 76 -29.13 -16.37 -7.43
C TRP D 76 -30.23 -16.86 -6.46
N GLY D 77 -29.89 -16.87 -5.19
CA GLY D 77 -30.86 -17.21 -4.15
C GLY D 77 -30.46 -16.95 -2.69
N SER D 78 -31.18 -17.55 -1.74
CA SER D 78 -31.00 -17.30 -0.28
C SER D 78 -31.54 -18.53 0.47
N GLY D 79 -31.57 -18.46 1.80
CA GLY D 79 -32.31 -19.45 2.63
C GLY D 79 -33.75 -19.64 2.19
N ALA D 80 -34.45 -18.54 1.83
CA ALA D 80 -35.88 -18.53 1.29
C ALA D 80 -36.13 -19.39 0.03
N GLY D 81 -35.09 -19.56 -0.75
CA GLY D 81 -35.07 -20.29 -2.01
C GLY D 81 -34.38 -19.51 -3.14
N THR D 82 -34.66 -19.97 -4.33
CA THR D 82 -33.87 -19.60 -5.49
C THR D 82 -34.64 -18.65 -6.46
N VAL D 83 -34.09 -17.50 -6.74
CA VAL D 83 -34.63 -16.56 -7.74
C VAL D 83 -34.46 -17.18 -9.12
N MET D 84 -33.23 -17.59 -9.39
CA MET D 84 -32.93 -18.33 -10.62
C MET D 84 -31.57 -18.96 -10.60
N ASP D 85 -31.40 -19.88 -11.52
CA ASP D 85 -30.05 -20.36 -11.91
C ASP D 85 -29.84 -19.89 -13.33
N TYR D 86 -28.62 -19.46 -13.62
CA TYR D 86 -28.29 -18.95 -14.94
C TYR D 86 -26.87 -19.26 -15.36
N VAL D 87 -26.74 -19.41 -16.67
CA VAL D 87 -25.46 -19.53 -17.32
C VAL D 87 -25.10 -18.15 -17.86
N ALA D 88 -24.04 -17.60 -17.32
CA ALA D 88 -23.62 -16.24 -17.63
C ALA D 88 -22.86 -16.22 -18.96
N ASP D 89 -23.08 -15.18 -19.75
CA ASP D 89 -22.30 -14.99 -21.00
C ASP D 89 -22.25 -16.28 -21.84
N ALA D 90 -23.41 -16.90 -21.96
CA ALA D 90 -23.52 -18.25 -22.52
C ALA D 90 -23.06 -18.31 -23.98
N GLN D 91 -23.22 -17.21 -24.68
CA GLN D 91 -22.77 -17.11 -26.07
C GLN D 91 -21.27 -17.25 -26.25
N LEU D 92 -20.46 -16.96 -25.23
CA LEU D 92 -18.99 -17.06 -25.32
C LEU D 92 -18.53 -18.50 -25.43
N GLY D 93 -19.15 -19.41 -24.68
CA GLY D 93 -18.74 -20.83 -24.71
C GLY D 93 -19.50 -21.68 -25.71
N SER D 94 -20.65 -21.21 -26.15
CA SER D 94 -21.57 -22.03 -26.95
C SER D 94 -21.92 -21.38 -28.27
N ASP D 95 -21.47 -21.95 -29.36
CA ASP D 95 -21.83 -21.45 -30.70
C ASP D 95 -23.33 -21.49 -30.91
N THR D 96 -23.96 -22.54 -30.42
CA THR D 96 -25.40 -22.66 -30.53
C THR D 96 -26.12 -21.44 -29.88
N MET D 97 -25.71 -21.11 -28.68
CA MET D 97 -26.26 -19.94 -28.01
C MET D 97 -25.89 -18.63 -28.70
N ARG D 98 -24.71 -18.56 -29.27
CA ARG D 98 -24.38 -17.39 -30.09
C ARG D 98 -25.28 -17.27 -31.31
N ARG D 99 -25.67 -18.40 -31.94
CA ARG D 99 -26.64 -18.34 -33.09
C ARG D 99 -28.01 -17.82 -32.63
N LEU D 100 -28.44 -18.22 -31.45
CA LEU D 100 -29.67 -17.67 -30.90
C LEU D 100 -29.59 -16.16 -30.55
N ALA D 101 -28.50 -15.80 -29.91
CA ALA D 101 -28.17 -14.36 -29.59
C ALA D 101 -28.17 -13.44 -30.83
N THR D 102 -27.71 -13.98 -31.95
CA THR D 102 -27.65 -13.25 -33.24
C THR D 102 -28.69 -13.72 -34.26
N HIS D 103 -29.67 -14.48 -33.79
CA HIS D 103 -30.76 -14.95 -34.66
C HIS D 103 -31.30 -13.85 -35.60
N PRO D 104 -31.38 -14.13 -36.90
CA PRO D 104 -31.70 -13.01 -37.84
C PRO D 104 -33.05 -12.34 -37.62
N ARG D 105 -34.03 -13.12 -37.25
CA ARG D 105 -35.37 -12.59 -37.03
C ARG D 105 -35.48 -11.77 -35.73
N ILE D 106 -34.90 -12.28 -34.68
CA ILE D 106 -34.86 -11.57 -33.38
C ILE D 106 -34.07 -10.27 -33.54
N ALA D 107 -32.95 -10.40 -34.23
CA ALA D 107 -32.04 -9.26 -34.45
C ALA D 107 -32.73 -8.16 -35.27
N ALA D 108 -33.43 -8.53 -36.34
CA ALA D 108 -34.15 -7.55 -37.16
C ALA D 108 -35.27 -6.87 -36.40
N LEU D 109 -36.00 -7.63 -35.60
CA LEU D 109 -37.01 -7.05 -34.74
C LEU D 109 -36.40 -6.07 -33.75
N ALA D 110 -35.35 -6.51 -33.05
CA ALA D 110 -34.67 -5.63 -32.06
C ALA D 110 -34.23 -4.30 -32.69
N GLU D 111 -33.62 -4.37 -33.86
CA GLU D 111 -33.13 -3.16 -34.50
C GLU D 111 -34.29 -2.25 -34.93
N TYR D 112 -35.40 -2.86 -35.41
CA TYR D 112 -36.57 -2.06 -35.79
C TYR D 112 -37.17 -1.40 -34.56
N LEU D 113 -37.27 -2.14 -33.46
CA LEU D 113 -37.85 -1.59 -32.24
C LEU D 113 -36.98 -0.52 -31.61
N ALA D 114 -35.69 -0.77 -31.60
CA ALA D 114 -34.74 0.20 -31.03
C ALA D 114 -34.61 1.44 -31.92
N GLY D 115 -34.82 1.29 -33.21
CA GLY D 115 -34.64 2.43 -34.14
C GLY D 115 -33.20 2.74 -34.52
N SER D 116 -32.26 1.83 -34.23
CA SER D 116 -30.83 1.93 -34.67
C SER D 116 -30.13 0.61 -34.86
N PRO D 117 -28.90 0.67 -35.42
CA PRO D 117 -28.06 -0.50 -35.41
C PRO D 117 -27.67 -0.85 -34.00
N LEU D 118 -27.56 -2.14 -33.79
CA LEU D 118 -27.31 -2.71 -32.45
C LEU D 118 -26.17 -3.69 -32.49
N ARG D 119 -25.63 -3.89 -31.28
CA ARG D 119 -24.67 -4.94 -30.97
C ARG D 119 -25.21 -5.85 -29.86
N LEU D 120 -24.74 -7.08 -29.86
CA LEU D 120 -25.00 -8.00 -28.75
C LEU D 120 -24.06 -7.70 -27.60
N PHE D 121 -24.62 -7.58 -26.41
CA PHE D 121 -23.81 -7.35 -25.15
C PHE D 121 -23.61 -8.66 -24.43
N LYS D 122 -24.72 -9.40 -24.27
CA LYS D 122 -24.66 -10.75 -23.73
C LYS D 122 -25.93 -11.53 -23.93
N LEU D 123 -25.79 -12.83 -23.83
CA LEU D 123 -26.90 -13.73 -23.67
C LEU D 123 -26.72 -14.57 -22.39
N GLU D 124 -27.80 -14.67 -21.62
CA GLU D 124 -27.85 -15.59 -20.48
C GLU D 124 -28.93 -16.71 -20.65
N VAL D 125 -28.65 -17.90 -20.11
CA VAL D 125 -29.61 -18.99 -20.14
C VAL D 125 -30.23 -18.96 -18.76
N LEU D 126 -31.56 -18.88 -18.69
CA LEU D 126 -32.23 -18.73 -17.38
C LEU D 126 -33.07 -19.94 -17.01
N LEU D 127 -33.00 -20.30 -15.76
CA LEU D 127 -33.75 -21.46 -15.19
C LEU D 127 -34.43 -21.04 -13.89
N LYS D 128 -35.74 -21.25 -13.83
CA LYS D 128 -36.47 -21.29 -12.55
C LYS D 128 -37.11 -22.66 -12.39
N GLU D 129 -36.84 -23.32 -11.27
CA GLU D 129 -37.49 -24.59 -10.99
C GLU D 129 -37.50 -24.81 -9.49
N ASN D 130 -38.41 -25.68 -9.08
CA ASN D 130 -38.44 -26.20 -7.72
C ASN D 130 -37.56 -27.45 -7.55
N LYS D 131 -36.72 -27.44 -6.53
CA LYS D 131 -35.95 -28.60 -6.12
C LYS D 131 -36.38 -28.91 -4.71
N GLU D 132 -35.91 -30.05 -4.21
CA GLU D 132 -36.13 -30.44 -2.82
C GLU D 132 -35.43 -29.43 -1.86
N LYS D 133 -36.23 -28.87 -0.94
CA LYS D 133 -35.75 -27.85 0.05
C LYS D 133 -35.33 -26.52 -0.55
N ASP D 134 -35.59 -26.33 -1.84
CA ASP D 134 -35.17 -25.14 -2.54
C ASP D 134 -36.26 -24.75 -3.53
N ALA D 135 -37.22 -24.00 -3.02
CA ALA D 135 -38.35 -23.54 -3.82
C ALA D 135 -37.95 -22.35 -4.68
N SER D 136 -38.46 -22.34 -5.89
CA SER D 136 -38.49 -21.20 -6.77
C SER D 136 -39.25 -20.01 -6.15
N VAL D 137 -38.65 -18.82 -6.28
CA VAL D 137 -39.16 -17.60 -5.72
C VAL D 137 -39.19 -16.55 -6.87
N PRO D 138 -39.96 -15.46 -6.67
CA PRO D 138 -40.10 -14.49 -7.76
C PRO D 138 -38.81 -13.71 -8.06
N THR D 139 -38.72 -13.20 -9.25
CA THR D 139 -37.76 -12.17 -9.59
C THR D 139 -38.34 -10.79 -9.23
N ALA D 140 -37.73 -10.11 -8.29
CA ALA D 140 -38.26 -8.85 -7.79
C ALA D 140 -38.28 -7.73 -8.89
N PRO D 141 -39.25 -6.81 -8.81
CA PRO D 141 -39.32 -5.74 -9.79
C PRO D 141 -37.99 -4.95 -9.90
N HIS D 142 -37.58 -4.67 -11.10
CA HIS D 142 -36.41 -3.86 -11.31
C HIS D 142 -36.46 -3.29 -12.72
N HIS D 143 -35.56 -2.36 -12.99
CA HIS D 143 -35.19 -2.07 -14.38
C HIS D 143 -33.78 -2.41 -14.66
N ASP D 144 -33.47 -2.70 -15.90
CA ASP D 144 -32.17 -3.29 -16.19
C ASP D 144 -30.99 -2.29 -16.26
N ALA D 145 -31.31 -1.04 -16.57
CA ALA D 145 -30.27 -0.07 -17.08
C ALA D 145 -29.10 0.15 -16.13
N PHE D 146 -29.39 0.19 -14.85
CA PHE D 146 -28.46 0.58 -13.81
C PHE D 146 -27.39 -0.45 -13.67
N ALA D 147 -27.62 -1.66 -14.17
CA ALA D 147 -26.59 -2.71 -14.12
C ALA D 147 -25.66 -2.79 -15.34
N PHE D 148 -25.94 -1.98 -16.33
CA PHE D 148 -25.31 -2.09 -17.63
C PHE D 148 -24.12 -1.11 -17.68
N PRO D 149 -22.90 -1.64 -17.74
CA PRO D 149 -21.72 -0.79 -17.71
C PRO D 149 -21.35 -0.20 -19.11
N PHE D 150 -22.32 0.45 -19.74
CA PHE D 150 -22.08 1.06 -21.05
C PHE D 150 -22.92 2.31 -21.23
N SER D 151 -22.41 3.16 -22.11
CA SER D 151 -22.80 4.56 -22.28
C SER D 151 -24.25 4.67 -22.71
N THR D 152 -24.77 3.68 -23.43
CA THR D 152 -26.16 3.74 -23.94
C THR D 152 -27.10 2.81 -23.18
N ALA D 153 -26.74 2.53 -21.93
CA ALA D 153 -27.51 1.65 -21.03
C ALA D 153 -29.00 2.00 -21.01
N GLY D 154 -29.25 3.30 -20.96
CA GLY D 154 -30.59 3.86 -20.93
C GLY D 154 -31.54 3.53 -22.11
N THR D 155 -30.98 3.09 -23.21
CA THR D 155 -31.77 2.75 -24.39
C THR D 155 -31.57 1.30 -24.84
N ALA D 156 -30.84 0.52 -24.04
CA ALA D 156 -30.69 -0.84 -24.37
C ALA D 156 -32.04 -1.59 -24.34
N LEU D 157 -32.04 -2.78 -24.89
CA LEU D 157 -33.20 -3.64 -24.81
C LEU D 157 -32.81 -5.11 -24.70
N THR D 158 -33.77 -5.83 -24.13
CA THR D 158 -33.59 -7.26 -23.83
C THR D 158 -34.63 -8.08 -24.61
N ALA D 159 -34.17 -9.12 -25.31
CA ALA D 159 -35.04 -10.19 -25.83
C ALA D 159 -35.07 -11.40 -24.87
N TRP D 160 -36.24 -11.71 -24.37
CA TRP D 160 -36.46 -12.89 -23.51
C TRP D 160 -37.24 -13.93 -24.31
N VAL D 161 -36.61 -15.05 -24.60
CA VAL D 161 -37.14 -16.06 -25.50
C VAL D 161 -37.53 -17.30 -24.72
N ALA D 162 -38.80 -17.68 -24.82
CA ALA D 162 -39.30 -18.82 -24.08
C ALA D 162 -38.86 -20.07 -24.83
N LEU D 163 -38.22 -21.00 -24.11
CA LEU D 163 -37.86 -22.31 -24.71
C LEU D 163 -38.83 -23.46 -24.38
N VAL D 164 -39.73 -23.19 -23.47
CA VAL D 164 -40.86 -24.04 -23.14
C VAL D 164 -42.07 -23.11 -22.96
N ASP D 165 -43.23 -23.73 -22.74
CA ASP D 165 -44.45 -23.00 -22.41
C ASP D 165 -44.29 -22.33 -21.05
N VAL D 166 -44.63 -21.05 -20.96
CA VAL D 166 -44.49 -20.29 -19.72
C VAL D 166 -45.85 -19.65 -19.41
N PRO D 167 -46.80 -20.45 -18.90
CA PRO D 167 -47.98 -19.83 -18.35
C PRO D 167 -47.64 -19.10 -17.05
N VAL D 168 -48.59 -18.30 -16.60
CA VAL D 168 -48.41 -17.43 -15.45
C VAL D 168 -47.72 -18.20 -14.30
N GLU D 169 -48.27 -19.36 -13.98
CA GLU D 169 -47.83 -20.09 -12.79
C GLU D 169 -46.39 -20.69 -12.95
N ARG D 170 -45.85 -20.67 -14.15
CA ARG D 170 -44.49 -21.15 -14.40
C ARG D 170 -43.44 -20.02 -14.28
N GLY D 171 -43.90 -18.81 -13.96
CA GLY D 171 -43.03 -17.69 -13.70
C GLY D 171 -42.80 -16.79 -14.91
N CYS D 172 -43.85 -16.53 -15.69
CA CYS D 172 -43.77 -15.54 -16.76
C CYS D 172 -43.52 -14.15 -16.16
N MET D 173 -43.24 -13.23 -17.06
CA MET D 173 -42.93 -11.82 -16.67
C MET D 173 -44.14 -10.88 -16.60
N THR D 174 -43.97 -9.86 -15.79
CA THR D 174 -44.87 -8.76 -15.64
C THR D 174 -44.09 -7.46 -15.93
N PHE D 175 -44.69 -6.58 -16.71
CA PHE D 175 -44.12 -5.27 -17.11
C PHE D 175 -44.99 -4.12 -16.63
N VAL D 176 -44.39 -2.96 -16.36
CA VAL D 176 -45.16 -1.74 -16.02
C VAL D 176 -45.13 -0.85 -17.27
N PRO D 177 -46.21 -0.88 -18.09
CA PRO D 177 -46.16 -0.06 -19.29
C PRO D 177 -45.94 1.42 -19.02
N GLY D 178 -45.12 2.02 -19.88
CA GLY D 178 -44.83 3.48 -19.73
C GLY D 178 -43.74 3.83 -18.68
N SER D 179 -43.31 2.86 -17.89
CA SER D 179 -42.37 3.10 -16.80
C SER D 179 -40.95 3.51 -17.35
N HIS D 180 -40.65 3.09 -18.59
CA HIS D 180 -39.46 3.47 -19.30
C HIS D 180 -39.33 4.95 -19.66
N LEU D 181 -40.41 5.69 -19.62
CA LEU D 181 -40.43 7.18 -19.88
C LEU D 181 -40.34 8.03 -18.64
N LEU D 182 -40.37 7.40 -17.48
CA LEU D 182 -40.37 8.13 -16.21
C LEU D 182 -38.98 8.81 -16.08
N PRO D 183 -38.89 10.05 -15.51
CA PRO D 183 -37.55 10.75 -15.43
C PRO D 183 -36.38 10.19 -14.52
N ARG D 198 -39.58 6.18 -6.54
CA ARG D 198 -40.14 7.06 -7.60
C ARG D 198 -41.67 7.33 -7.67
N PRO D 199 -42.05 8.65 -7.58
CA PRO D 199 -43.46 8.94 -7.27
C PRO D 199 -44.42 8.59 -8.43
N GLY D 200 -45.54 7.99 -8.07
CA GLY D 200 -46.51 7.58 -9.08
C GLY D 200 -46.31 6.17 -9.64
N GLU D 201 -45.10 5.63 -9.65
CA GLU D 201 -44.86 4.28 -10.22
C GLU D 201 -45.66 3.08 -9.62
N ILE D 202 -45.87 3.06 -8.30
CA ILE D 202 -46.64 2.01 -7.66
C ILE D 202 -48.15 2.03 -8.07
N TRP D 203 -48.62 3.19 -8.55
CA TRP D 203 -50.00 3.38 -9.05
C TRP D 203 -50.22 3.07 -10.55
N MET D 204 -49.17 2.71 -11.23
CA MET D 204 -49.28 2.37 -12.62
C MET D 204 -49.69 0.88 -12.89
N PRO D 205 -50.39 0.63 -13.99
CA PRO D 205 -50.94 -0.74 -14.13
C PRO D 205 -49.82 -1.65 -14.45
N ARG D 206 -49.97 -2.92 -14.17
CA ARG D 206 -48.99 -3.89 -14.49
C ARG D 206 -49.57 -4.94 -15.41
N VAL D 207 -48.79 -5.38 -16.39
CA VAL D 207 -49.29 -6.35 -17.37
C VAL D 207 -48.44 -7.64 -17.25
N THR D 208 -49.11 -8.74 -16.94
CA THR D 208 -48.53 -10.07 -16.90
C THR D 208 -48.71 -10.75 -18.26
N VAL D 209 -47.63 -11.29 -18.78
CA VAL D 209 -47.55 -11.78 -20.13
C VAL D 209 -47.10 -13.25 -20.24
N PRO D 210 -48.03 -14.21 -20.11
CA PRO D 210 -47.67 -15.54 -20.41
C PRO D 210 -47.26 -15.75 -21.86
N LEU D 211 -46.43 -16.75 -22.10
CA LEU D 211 -45.72 -16.95 -23.41
C LEU D 211 -45.69 -18.42 -23.73
N ARG D 212 -45.95 -18.74 -24.97
CA ARG D 212 -45.75 -20.08 -25.45
C ARG D 212 -44.27 -20.27 -25.84
N ALA D 213 -43.85 -21.52 -25.84
CA ALA D 213 -42.55 -21.90 -26.37
C ALA D 213 -42.36 -21.24 -27.74
N GLY D 214 -41.20 -20.63 -27.92
CA GLY D 214 -40.84 -19.98 -29.16
C GLY D 214 -41.28 -18.51 -29.28
N ASP D 215 -42.08 -18.03 -28.35
CA ASP D 215 -42.44 -16.64 -28.27
C ASP D 215 -41.30 -15.92 -27.62
N CYS D 216 -41.28 -14.62 -27.82
CA CYS D 216 -40.42 -13.76 -27.03
C CYS D 216 -41.08 -12.43 -26.67
N THR D 217 -40.47 -11.80 -25.68
CA THR D 217 -40.74 -10.44 -25.36
C THR D 217 -39.50 -9.66 -25.63
N PHE D 218 -39.73 -8.41 -25.97
CA PHE D 218 -38.68 -7.40 -25.92
C PHE D 218 -39.03 -6.39 -24.88
N HIS D 219 -38.02 -5.99 -24.11
CA HIS D 219 -38.21 -4.88 -23.14
C HIS D 219 -37.06 -3.92 -23.00
N HIS D 220 -37.45 -2.68 -22.93
CA HIS D 220 -36.55 -1.58 -22.75
C HIS D 220 -35.82 -1.66 -21.42
N ALA D 221 -34.58 -1.21 -21.40
CA ALA D 221 -33.72 -1.17 -20.21
C ALA D 221 -34.25 -0.32 -19.05
N ARG D 222 -35.13 0.63 -19.32
CA ARG D 222 -35.79 1.44 -18.25
CA ARG D 222 -35.77 1.42 -18.22
C ARG D 222 -37.17 0.89 -17.83
N THR D 223 -37.63 -0.15 -18.48
CA THR D 223 -39.00 -0.69 -18.20
C THR D 223 -38.92 -1.50 -16.92
N VAL D 224 -39.72 -1.12 -15.95
CA VAL D 224 -39.86 -1.96 -14.71
C VAL D 224 -40.53 -3.29 -15.04
N HIS D 225 -39.92 -4.38 -14.55
CA HIS D 225 -40.41 -5.72 -14.83
C HIS D 225 -40.02 -6.68 -13.71
N SER D 226 -40.75 -7.79 -13.68
CA SER D 226 -40.62 -8.79 -12.61
C SER D 226 -41.02 -10.13 -13.18
N ALA D 227 -40.87 -11.20 -12.37
CA ALA D 227 -41.34 -12.51 -12.78
C ALA D 227 -41.75 -13.32 -11.58
N GLY D 228 -42.77 -14.13 -11.81
CA GLY D 228 -43.37 -14.97 -10.75
C GLY D 228 -42.38 -16.08 -10.39
N ALA D 229 -42.63 -16.69 -9.27
CA ALA D 229 -42.10 -17.98 -8.94
C ALA D 229 -42.62 -19.02 -9.90
N ASN D 230 -41.81 -20.01 -10.15
CA ASN D 230 -42.30 -21.20 -10.84
C ASN D 230 -42.96 -22.07 -9.79
N SER D 231 -44.28 -22.11 -9.79
CA SER D 231 -44.97 -22.99 -8.86
C SER D 231 -45.39 -24.30 -9.51
N THR D 232 -44.84 -24.66 -10.66
CA THR D 232 -45.15 -25.97 -11.29
C THR D 232 -43.98 -26.92 -11.10
N ASP D 233 -44.18 -28.16 -11.45
CA ASP D 233 -43.09 -29.13 -11.44
C ASP D 233 -42.38 -29.24 -12.80
N GLU D 234 -42.61 -28.32 -13.75
CA GLU D 234 -41.88 -28.31 -15.03
C GLU D 234 -40.97 -27.07 -15.04
N PRO D 235 -39.69 -27.25 -15.37
CA PRO D 235 -38.80 -26.09 -15.24
C PRO D 235 -39.14 -24.96 -16.22
N ARG D 236 -38.89 -23.74 -15.81
CA ARG D 236 -38.98 -22.60 -16.69
C ARG D 236 -37.61 -22.40 -17.33
N LEU D 237 -37.58 -22.49 -18.63
CA LEU D 237 -36.33 -22.37 -19.37
C LEU D 237 -36.50 -21.35 -20.46
N SER D 238 -35.54 -20.44 -20.49
CA SER D 238 -35.55 -19.34 -21.44
C SER D 238 -34.15 -18.81 -21.65
N THR D 239 -34.02 -17.94 -22.64
CA THR D 239 -32.81 -17.12 -22.74
C THR D 239 -33.16 -15.64 -22.70
N SER D 240 -32.21 -14.87 -22.22
CA SER D 240 -32.30 -13.41 -22.12
C SER D 240 -31.03 -12.79 -22.73
N ALA D 241 -31.23 -12.07 -23.81
CA ALA D 241 -30.16 -11.38 -24.54
C ALA D 241 -30.30 -9.85 -24.50
N VAL D 242 -29.23 -9.20 -24.08
CA VAL D 242 -29.15 -7.75 -24.01
C VAL D 242 -28.50 -7.25 -25.27
N TYR D 243 -29.21 -6.36 -25.95
CA TYR D 243 -28.73 -5.62 -27.12
C TYR D 243 -28.53 -4.15 -26.79
N MET D 244 -27.47 -3.59 -27.37
CA MET D 244 -27.09 -2.25 -27.11
C MET D 244 -26.81 -1.52 -28.42
N ASP D 245 -26.95 -0.23 -28.35
CA ASP D 245 -26.59 0.61 -29.45
C ASP D 245 -25.20 0.22 -29.99
N ALA D 246 -25.06 0.15 -31.30
CA ALA D 246 -23.76 -0.07 -31.95
C ALA D 246 -22.64 0.93 -31.61
N THR D 247 -23.00 2.13 -31.17
CA THR D 247 -21.97 3.09 -30.72
C THR D 247 -21.65 3.00 -29.21
N ALA D 248 -22.22 2.03 -28.53
CA ALA D 248 -21.97 1.84 -27.08
C ALA D 248 -20.51 1.79 -26.69
N ALA D 249 -20.21 2.58 -25.67
CA ALA D 249 -18.85 2.62 -25.06
C ALA D 249 -18.87 2.23 -23.59
N TYR D 250 -17.73 1.74 -23.15
CA TYR D 250 -17.61 1.24 -21.78
C TYR D 250 -17.85 2.38 -20.80
N ARG D 251 -18.73 2.10 -19.82
CA ARG D 251 -18.99 3.08 -18.74
C ARG D 251 -19.19 2.34 -17.39
N PRO D 252 -18.20 2.35 -16.48
CA PRO D 252 -18.37 1.58 -15.25
C PRO D 252 -19.62 2.02 -14.44
N THR D 253 -20.31 1.07 -13.89
CA THR D 253 -21.38 1.33 -12.91
C THR D 253 -20.80 1.69 -11.53
N GLY D 254 -19.57 1.29 -11.30
CA GLY D 254 -18.95 1.36 -9.95
C GLY D 254 -19.25 0.14 -9.04
N ILE D 255 -20.00 -0.81 -9.56
CA ILE D 255 -20.18 -2.13 -8.96
C ILE D 255 -19.19 -3.11 -9.61
N ALA D 256 -18.18 -3.53 -8.85
CA ALA D 256 -17.07 -4.38 -9.31
C ALA D 256 -17.51 -5.60 -10.12
N PHE D 257 -18.49 -6.30 -9.56
CA PHE D 257 -19.08 -7.47 -10.23
C PHE D 257 -19.63 -7.20 -11.69
N LEU D 258 -20.30 -6.08 -11.85
CA LEU D 258 -20.91 -5.68 -13.14
C LEU D 258 -19.94 -5.06 -14.12
N ASP D 259 -18.93 -4.47 -13.58
CA ASP D 259 -17.94 -3.79 -14.40
C ASP D 259 -16.87 -4.69 -15.03
N ASP D 260 -16.74 -5.89 -14.47
CA ASP D 260 -15.84 -6.95 -14.96
C ASP D 260 -16.44 -7.73 -16.11
N LEU D 261 -16.08 -7.39 -17.32
CA LEU D 261 -16.63 -8.06 -18.47
C LEU D 261 -15.75 -9.18 -18.94
N PRO D 262 -16.28 -10.41 -18.96
CA PRO D 262 -15.38 -11.46 -19.45
C PRO D 262 -15.18 -11.43 -20.94
N GLY D 263 -14.08 -12.03 -21.38
CA GLY D 263 -13.75 -12.23 -22.78
C GLY D 263 -13.35 -10.94 -23.46
N THR D 264 -12.82 -9.99 -22.68
CA THR D 264 -12.45 -8.64 -23.18
C THR D 264 -10.99 -8.32 -22.95
N GLY D 265 -10.13 -9.33 -22.82
CA GLY D 265 -8.67 -9.12 -22.62
C GLY D 265 -8.19 -9.13 -21.17
N ALA D 266 -6.87 -9.06 -21.03
CA ALA D 266 -6.22 -9.12 -19.69
C ALA D 266 -6.48 -7.85 -18.86
N ASP D 267 -6.24 -6.69 -19.50
CA ASP D 267 -6.33 -5.34 -18.85
C ASP D 267 -7.79 -4.94 -18.59
N PRO D 268 -8.12 -4.31 -17.40
CA PRO D 268 -9.51 -3.83 -17.28
C PRO D 268 -9.81 -2.77 -18.37
N LEU D 269 -11.09 -2.56 -18.67
CA LEU D 269 -11.46 -1.67 -19.78
C LEU D 269 -11.44 -0.25 -19.27
N ARG D 270 -11.08 0.64 -20.17
CA ARG D 270 -11.05 2.04 -19.86
C ARG D 270 -12.49 2.60 -20.12
N GLU D 271 -12.98 3.46 -19.22
CA GLU D 271 -14.09 4.33 -19.50
C GLU D 271 -13.99 5.05 -20.88
N GLY D 272 -15.05 4.91 -21.69
CA GLY D 272 -15.10 5.40 -23.05
C GLY D 272 -14.84 4.35 -24.15
N ALA D 273 -14.10 3.31 -23.81
CA ALA D 273 -13.53 2.38 -24.81
C ALA D 273 -14.66 1.80 -25.59
N PRO D 274 -14.56 1.75 -26.92
CA PRO D 274 -15.75 1.26 -27.63
C PRO D 274 -15.88 -0.23 -27.46
N LEU D 275 -17.10 -0.69 -27.54
CA LEU D 275 -17.40 -2.12 -27.40
C LEU D 275 -17.69 -2.59 -28.80
N THR D 276 -16.68 -3.21 -29.40
CA THR D 276 -16.70 -3.64 -30.80
C THR D 276 -16.04 -5.00 -30.99
N GLY D 277 -16.07 -5.46 -32.22
CA GLY D 277 -15.53 -6.76 -32.58
C GLY D 277 -16.48 -7.92 -32.30
N ASP D 278 -15.93 -9.11 -32.50
CA ASP D 278 -16.53 -10.45 -32.24
C ASP D 278 -17.16 -10.61 -30.86
N ARG D 279 -16.57 -9.95 -29.88
CA ARG D 279 -17.03 -10.04 -28.50
C ARG D 279 -18.37 -9.30 -28.31
N PHE D 280 -18.60 -8.29 -29.13
CA PHE D 280 -19.80 -7.42 -29.05
C PHE D 280 -20.37 -7.21 -30.44
N PRO D 281 -20.79 -8.29 -31.11
CA PRO D 281 -20.96 -8.26 -32.53
C PRO D 281 -22.16 -7.46 -33.02
N LEU D 282 -21.95 -6.79 -34.14
CA LEU D 282 -23.03 -6.15 -34.84
C LEU D 282 -24.09 -7.20 -35.16
N LEU D 283 -25.34 -6.87 -34.95
CA LEU D 283 -26.46 -7.76 -35.35
C LEU D 283 -26.74 -7.84 -36.87
N ARG D 284 -26.34 -6.83 -37.64
CA ARG D 284 -26.63 -6.76 -39.08
C ARG D 284 -25.40 -7.03 -39.93
C1 AKG E . 16.64 2.91 -8.71
O1 AKG E . 17.40 2.73 -7.73
O2 AKG E . 16.46 4.05 -9.21
C2 AKG E . 15.87 1.77 -9.26
O5 AKG E . 16.03 0.63 -8.77
C3 AKG E . 14.94 2.05 -10.47
C4 AKG E . 14.04 0.91 -10.91
C5 AKG E . 13.15 1.18 -12.10
O3 AKG E . 13.13 2.32 -12.60
O4 AKG E . 12.46 0.24 -12.61
FE FE F . 17.27 0.71 -7.28
C ACT G . 7.45 -4.22 -3.36
O ACT G . 7.48 -4.61 -4.54
OXT ACT G . 6.42 -4.42 -2.68
CH3 ACT G . 8.64 -3.50 -2.82
C1 AKG H . 29.33 6.25 25.18
O1 AKG H . 29.04 7.45 25.53
O2 AKG H . 28.79 5.64 24.25
C2 AKG H . 30.30 5.43 25.88
O5 AKG H . 30.55 4.27 25.48
C3 AKG H . 30.99 6.01 27.07
C4 AKG H . 32.16 5.15 27.53
C5 AKG H . 32.90 5.70 28.73
O3 AKG H . 33.75 4.97 29.28
O4 AKG H . 32.66 6.85 29.14
FE FE I . 29.27 3.80 23.95
C1 AKG J . -14.15 -5.68 0.51
O1 AKG J . -14.05 -6.41 1.54
O2 AKG J . -14.70 -4.51 0.50
C2 AKG J . -13.53 -6.18 -0.75
O5 AKG J . -13.76 -5.61 -1.87
C3 AKG J . -12.66 -7.41 -0.54
C4 AKG J . -11.93 -7.95 -1.77
C5 AKG J . -11.08 -9.19 -1.53
O3 AKG J . -10.92 -9.70 -0.37
O4 AKG J . -10.51 -9.69 -2.55
FE FE K . -14.79 -4.03 -1.52
C1 AKG L . -34.42 -9.66 -17.62
O1 AKG L . -34.01 -8.50 -17.37
O2 AKG L . -34.32 -10.30 -18.73
C2 AKG L . -35.03 -10.27 -16.46
O5 AKG L . -35.13 -9.58 -15.42
C3 AKG L . -35.54 -11.72 -16.54
C4 AKG L . -36.22 -12.11 -15.22
C5 AKG L . -36.69 -13.54 -15.10
O3 AKG L . -37.10 -13.88 -13.98
O4 AKG L . -36.65 -14.29 -16.10
FE FE M . -34.37 -7.60 -15.81
#